data_3F70
#
_entry.id   3F70
#
_cell.length_a   55.590
_cell.length_b   55.489
_cell.length_c   324.101
_cell.angle_alpha   90.000
_cell.angle_beta   90.000
_cell.angle_gamma   90.000
#
_symmetry.space_group_name_H-M   'P 21 21 21'
#
loop_
_entity.id
_entity.type
_entity.pdbx_description
1 polymer 'Lethal(3)malignant brain tumor-like 2 protein'
2 non-polymer N-METHYL-LYSINE
3 water water
#
_entity_poly.entity_id   1
_entity_poly.type   'polypeptide(L)'
_entity_poly.pdbx_seq_one_letter_code
;TGQDALVLGFDWGKFLKDHSYKAAPVSCFKHVPLYDQWEDVMKGMKVEVLNSDAVLPSRVYWIASVIQTAGYRVLLRYEG
FENDASHDFWCNLGTVDVHPIGWCAINSKILVPPRTIHAKFTDWKGYLMKRLVGSRTLPVDFHIKMVESMKYPFRQGMRL
EVVDKSQVSRTRMAVVDTVIGGRLRLLYEDGDSDDDFWCHMWSPLIHPVGWSRRVGHGIKMSERRSDMAHHPTFRKIYCD
AVPYLFKKVRAVYTEGGWFEEGMKLEAIDPLNLGNICVATVCKVLLDGYLMICVDGGPSTDGLDWFCYHASSHAIFPATF
CQKNDIELTPPKGYEAQTFNWENYLEKTKSKAAPSRLFNMDCPNHGFKVGMKLEAVDLMEPRLICVATVKRVVHRLLSIH
FDGWDSEYDQWVDCESPDIYPVGWCELTGYQLQPPVAAEPATPLKAKEATKKKKKQ
;
_entity_poly.pdbx_strand_id   A,B
#
# COMPACT_ATOMS: atom_id res chain seq x y z
N GLN A 3 21.15 -23.95 41.12
CA GLN A 3 20.67 -24.09 39.71
C GLN A 3 19.41 -23.25 39.53
N ASP A 4 18.62 -23.17 40.63
CA ASP A 4 17.45 -22.26 40.74
C ASP A 4 17.79 -20.93 41.45
N ALA A 5 18.99 -20.85 41.98
CA ALA A 5 19.57 -19.61 42.46
C ALA A 5 19.98 -18.75 41.25
N LEU A 6 20.04 -19.35 40.07
CA LEU A 6 20.49 -18.60 38.91
C LEU A 6 19.37 -17.88 38.13
N VAL A 7 18.89 -16.78 38.72
CA VAL A 7 17.89 -15.94 38.07
C VAL A 7 18.42 -14.93 37.02
N LEU A 8 18.49 -15.34 35.76
CA LEU A 8 18.97 -14.44 34.70
C LEU A 8 17.89 -13.62 33.93
N GLY A 9 16.65 -13.73 34.38
CA GLY A 9 15.58 -13.00 33.78
C GLY A 9 14.97 -13.67 32.57
N PHE A 10 14.35 -12.82 31.75
CA PHE A 10 13.50 -13.30 30.70
C PHE A 10 14.25 -14.06 29.65
N ASP A 11 13.80 -15.29 29.35
CA ASP A 11 14.47 -16.05 28.24
C ASP A 11 13.58 -16.20 26.98
N TRP A 12 13.98 -15.65 25.84
CA TRP A 12 13.17 -15.88 24.60
C TRP A 12 13.06 -17.30 24.14
N GLY A 13 14.07 -18.15 24.40
CA GLY A 13 14.04 -19.55 24.08
C GLY A 13 12.84 -20.25 24.64
N LYS A 14 12.71 -20.23 25.95
CA LYS A 14 11.66 -20.97 26.60
C LYS A 14 10.29 -20.41 26.15
N PHE A 15 10.24 -19.07 26.00
CA PHE A 15 8.98 -18.33 25.78
C PHE A 15 8.41 -18.63 24.36
N LEU A 16 9.27 -18.50 23.33
CA LEU A 16 8.89 -18.89 21.96
C LEU A 16 8.56 -20.39 21.83
N LYS A 17 9.31 -21.25 22.50
CA LYS A 17 9.09 -22.70 22.48
C LYS A 17 7.73 -23.09 23.06
N ASP A 18 7.53 -22.78 24.34
CA ASP A 18 6.31 -22.96 25.11
C ASP A 18 5.01 -22.40 24.52
N HIS A 19 5.09 -21.29 23.80
CA HIS A 19 3.85 -20.71 23.28
C HIS A 19 3.68 -20.89 21.78
N SER A 20 4.65 -21.56 21.17
CA SER A 20 4.70 -21.78 19.73
C SER A 20 4.67 -20.42 18.95
N TYR A 21 5.30 -19.40 19.53
CA TYR A 21 5.27 -18.05 18.95
C TYR A 21 6.26 -17.89 17.77
N LYS A 22 6.00 -16.97 16.85
CA LYS A 22 7.02 -16.67 15.81
C LYS A 22 7.52 -15.23 15.94
N ALA A 23 8.80 -15.05 15.63
CA ALA A 23 9.42 -13.74 15.77
C ALA A 23 9.43 -13.10 14.40
N ALA A 24 9.19 -11.82 14.38
CA ALA A 24 9.47 -11.01 13.19
C ALA A 24 10.98 -11.11 12.81
N PRO A 25 11.31 -11.45 11.55
CA PRO A 25 12.74 -11.59 11.18
C PRO A 25 13.50 -10.22 11.17
N VAL A 26 14.84 -10.30 11.30
CA VAL A 26 15.75 -9.17 11.29
C VAL A 26 15.56 -8.31 10.03
N SER A 27 15.22 -8.94 8.92
CA SER A 27 14.94 -8.25 7.66
C SER A 27 13.74 -7.26 7.71
N CYS A 28 12.90 -7.29 8.75
CA CYS A 28 11.84 -6.30 8.91
C CYS A 28 12.33 -5.00 9.47
N PHE A 29 13.52 -5.03 10.09
CA PHE A 29 14.06 -3.88 10.78
C PHE A 29 15.38 -3.25 10.14
N LYS A 30 15.24 -2.25 9.27
CA LYS A 30 16.40 -1.58 8.59
C LYS A 30 17.41 -0.90 9.50
N HIS A 31 17.00 -0.47 10.68
CA HIS A 31 17.95 0.26 11.52
C HIS A 31 18.89 -0.57 12.36
N VAL A 32 18.88 -1.91 12.23
CA VAL A 32 19.53 -2.74 13.30
C VAL A 32 20.84 -3.32 12.89
N PRO A 33 21.76 -3.68 13.88
CA PRO A 33 23.00 -4.38 13.43
C PRO A 33 22.65 -5.67 12.71
N LEU A 34 23.53 -6.02 11.78
CA LEU A 34 23.40 -7.28 11.00
C LEU A 34 22.31 -7.23 9.89
N TYR A 35 21.57 -6.13 9.79
CA TYR A 35 20.50 -6.01 8.78
C TYR A 35 21.01 -6.23 7.35
N ASP A 36 22.10 -5.54 7.03
CA ASP A 36 22.76 -5.67 5.71
C ASP A 36 23.30 -7.05 5.37
N GLN A 37 23.65 -7.84 6.39
CA GLN A 37 24.18 -9.19 6.27
C GLN A 37 23.14 -10.30 6.43
N TRP A 38 21.89 -9.95 6.67
CA TRP A 38 20.89 -10.95 7.10
C TRP A 38 20.45 -11.98 6.04
N GLU A 39 20.48 -11.56 4.78
CA GLU A 39 20.18 -12.50 3.68
C GLU A 39 21.05 -13.78 3.75
N ASP A 40 22.23 -13.70 4.37
CA ASP A 40 23.08 -14.89 4.57
C ASP A 40 22.59 -15.86 5.67
N VAL A 41 21.68 -15.43 6.55
CA VAL A 41 21.23 -16.33 7.61
C VAL A 41 19.95 -17.05 7.19
N MET A 42 20.03 -18.37 7.15
CA MET A 42 18.84 -19.15 6.83
C MET A 42 18.89 -20.54 7.45
N LYS A 43 17.75 -21.22 7.50
CA LYS A 43 17.67 -22.60 8.00
C LYS A 43 18.66 -23.45 7.19
N GLY A 44 19.34 -24.34 7.89
CA GLY A 44 20.32 -25.30 7.33
C GLY A 44 21.75 -24.77 7.25
N MET A 45 21.92 -23.50 7.61
CA MET A 45 23.25 -22.90 7.56
C MET A 45 24.09 -23.65 8.64
N LYS A 46 25.41 -23.74 8.42
CA LYS A 46 26.32 -24.42 9.32
C LYS A 46 27.31 -23.43 10.02
N VAL A 47 27.54 -23.61 11.31
CA VAL A 47 28.45 -22.73 12.12
C VAL A 47 29.36 -23.64 12.99
N GLU A 48 30.55 -23.16 13.37
CA GLU A 48 31.33 -23.72 14.44
C GLU A 48 30.94 -22.94 15.70
N VAL A 49 30.59 -23.69 16.77
CA VAL A 49 30.15 -23.18 18.09
C VAL A 49 30.79 -24.00 19.14
N LEU A 50 30.82 -23.48 20.33
CA LEU A 50 31.50 -24.14 21.40
C LEU A 50 30.72 -25.44 21.65
N ASN A 51 31.49 -26.47 21.94
CA ASN A 51 30.88 -27.71 22.35
C ASN A 51 30.74 -27.63 23.88
N SER A 52 29.50 -27.54 24.32
CA SER A 52 29.15 -27.32 25.71
C SER A 52 29.18 -28.62 26.51
N ASP A 53 29.11 -29.72 25.78
CA ASP A 53 28.92 -31.08 26.31
C ASP A 53 30.31 -31.74 26.31
N ALA A 54 31.21 -31.11 27.08
CA ALA A 54 32.66 -31.43 27.19
C ALA A 54 33.32 -30.79 28.45
N VAL A 55 34.47 -31.35 28.89
CA VAL A 55 35.12 -30.93 30.17
C VAL A 55 36.46 -30.18 30.08
N LEU A 56 37.54 -30.94 29.77
CA LEU A 56 38.96 -30.47 29.85
C LEU A 56 39.25 -29.06 29.24
N ARG A 59 38.39 -25.66 26.21
CA ARG A 59 37.44 -25.00 25.26
C ARG A 59 37.56 -25.60 23.87
N VAL A 60 36.61 -26.42 23.53
CA VAL A 60 36.62 -27.10 22.19
C VAL A 60 35.26 -26.89 21.45
N TYR A 61 35.26 -27.20 20.13
CA TYR A 61 34.21 -26.76 19.25
C TYR A 61 33.52 -27.93 18.48
N TRP A 62 32.40 -27.65 17.80
CA TRP A 62 31.73 -28.65 17.04
C TRP A 62 30.91 -27.86 16.01
N ILE A 63 30.52 -28.50 14.93
CA ILE A 63 29.66 -27.88 13.94
C ILE A 63 28.19 -28.12 14.32
N ALA A 64 27.38 -27.10 14.10
CA ALA A 64 25.97 -27.19 14.24
C ALA A 64 25.22 -26.63 13.02
N SER A 65 23.94 -27.01 12.85
CA SER A 65 23.11 -26.41 11.80
C SER A 65 21.88 -25.72 12.32
N VAL A 66 21.48 -24.68 11.58
CA VAL A 66 20.30 -23.87 11.93
C VAL A 66 19.01 -24.69 11.68
N ILE A 67 18.26 -24.95 12.76
CA ILE A 67 16.93 -25.58 12.68
C ILE A 67 15.81 -24.56 12.61
N GLN A 68 15.99 -23.43 13.29
CA GLN A 68 14.95 -22.43 13.39
C GLN A 68 15.61 -21.08 13.65
N THR A 69 14.99 -20.00 13.19
CA THR A 69 15.45 -18.63 13.47
C THR A 69 14.36 -17.81 14.23
N ALA A 70 14.77 -16.95 15.17
CA ALA A 70 13.86 -16.02 15.84
C ALA A 70 14.62 -14.66 16.05
N GLY A 71 14.35 -13.69 15.18
CA GLY A 71 15.14 -12.46 15.15
C GLY A 71 16.63 -12.84 15.01
N TYR A 72 17.45 -12.29 15.89
CA TYR A 72 18.90 -12.62 15.88
C TYR A 72 19.26 -13.99 16.48
N ARG A 73 18.30 -14.68 17.06
CA ARG A 73 18.58 -15.99 17.68
C ARG A 73 18.30 -17.15 16.76
N VAL A 74 19.23 -18.09 16.69
CA VAL A 74 19.07 -19.30 15.89
C VAL A 74 19.02 -20.47 16.85
N LEU A 75 18.18 -21.45 16.56
CA LEU A 75 18.15 -22.66 17.35
C LEU A 75 19.08 -23.64 16.56
N LEU A 76 20.07 -24.28 17.24
CA LEU A 76 21.12 -25.05 16.60
C LEU A 76 20.98 -26.48 17.03
N ARG A 77 21.34 -27.40 16.11
CA ARG A 77 21.52 -28.76 16.40
C ARG A 77 22.94 -29.20 16.04
N TYR A 78 23.68 -29.72 17.01
CA TYR A 78 25.02 -30.21 16.81
C TYR A 78 25.02 -31.31 15.70
N GLU A 79 25.96 -31.21 14.78
CA GLU A 79 26.00 -32.28 13.73
C GLU A 79 26.14 -33.67 14.36
N GLY A 80 25.36 -34.64 13.84
CA GLY A 80 25.36 -36.04 14.33
C GLY A 80 24.20 -36.43 15.23
N PHE A 81 23.46 -35.43 15.68
CA PHE A 81 22.23 -35.73 16.43
C PHE A 81 21.09 -36.14 15.42
N GLU A 82 21.17 -35.59 14.19
CA GLU A 82 20.30 -35.97 13.09
C GLU A 82 18.85 -35.62 13.39
N ASN A 83 18.04 -36.60 13.79
CA ASN A 83 16.64 -36.29 14.05
C ASN A 83 16.34 -36.16 15.51
N ASP A 84 17.36 -36.36 16.34
CA ASP A 84 17.25 -36.21 17.75
C ASP A 84 17.34 -34.71 18.16
N ALA A 85 16.20 -34.15 18.60
CA ALA A 85 16.09 -32.72 18.87
C ALA A 85 16.32 -32.41 20.34
N SER A 86 16.63 -33.45 21.14
CA SER A 86 16.76 -33.25 22.61
C SER A 86 17.85 -32.31 23.10
N HIS A 87 18.86 -32.07 22.29
CA HIS A 87 19.96 -31.19 22.70
C HIS A 87 20.01 -29.89 21.87
N ASP A 88 18.91 -29.50 21.22
CA ASP A 88 18.95 -28.26 20.41
C ASP A 88 19.14 -27.15 21.35
N PHE A 89 19.80 -26.07 20.92
CA PHE A 89 20.14 -25.02 21.82
C PHE A 89 20.13 -23.68 21.06
N TRP A 90 19.90 -22.56 21.75
CA TRP A 90 19.77 -21.27 21.04
C TRP A 90 21.09 -20.57 21.02
N CYS A 91 21.33 -19.78 19.98
CA CYS A 91 22.54 -19.10 19.92
C CYS A 91 22.20 -17.73 19.35
N ASN A 92 22.63 -16.64 20.02
CA ASN A 92 22.44 -15.35 19.45
C ASN A 92 23.59 -15.08 18.48
N LEU A 93 23.28 -14.74 17.23
CA LEU A 93 24.30 -14.51 16.22
C LEU A 93 25.21 -13.29 16.39
N GLY A 94 24.90 -12.37 17.32
CA GLY A 94 25.93 -11.40 17.62
C GLY A 94 26.98 -11.79 18.70
N THR A 95 27.09 -13.09 19.08
CA THR A 95 27.92 -13.45 20.20
C THR A 95 29.30 -13.81 19.64
N VAL A 96 30.31 -13.82 20.46
CA VAL A 96 31.64 -14.03 19.91
C VAL A 96 31.96 -15.44 19.54
N ASP A 97 31.34 -16.40 20.21
CA ASP A 97 31.70 -17.80 20.02
C ASP A 97 30.88 -18.53 19.00
N VAL A 98 30.39 -17.84 17.97
CA VAL A 98 29.84 -18.58 16.84
C VAL A 98 30.64 -18.17 15.58
N HIS A 99 30.97 -19.14 14.71
CA HIS A 99 31.94 -18.86 13.68
C HIS A 99 31.58 -19.52 12.37
N PRO A 100 32.23 -19.08 11.26
CA PRO A 100 32.16 -19.70 9.90
C PRO A 100 32.93 -21.01 10.01
N ILE A 101 32.48 -22.05 9.35
CA ILE A 101 33.31 -23.22 9.12
C ILE A 101 34.74 -22.81 8.65
N GLY A 102 35.78 -23.40 9.24
CA GLY A 102 37.18 -23.08 8.91
C GLY A 102 37.79 -22.17 9.97
N TRP A 103 36.97 -21.57 10.83
CA TRP A 103 37.51 -20.72 11.90
C TRP A 103 38.48 -21.43 12.85
N CYS A 104 38.14 -22.68 13.22
CA CYS A 104 38.92 -23.54 14.09
C CYS A 104 40.32 -23.80 13.53
N ALA A 105 40.38 -24.23 12.24
CA ALA A 105 41.62 -24.56 11.56
C ALA A 105 42.53 -23.32 11.55
N ILE A 106 41.96 -22.20 11.18
CA ILE A 106 42.68 -20.94 11.14
C ILE A 106 43.21 -20.51 12.53
N ASN A 107 42.48 -20.83 13.58
CA ASN A 107 42.80 -20.36 14.92
C ASN A 107 43.41 -21.41 15.85
N SER A 108 43.92 -22.46 15.22
CA SER A 108 44.39 -23.72 15.84
C SER A 108 43.49 -24.15 17.03
N LYS A 109 42.17 -24.25 16.79
CA LYS A 109 41.27 -24.88 17.74
C LYS A 109 40.92 -26.26 17.26
N ILE A 110 40.30 -27.07 18.12
CA ILE A 110 39.95 -28.48 17.79
C ILE A 110 38.45 -28.70 17.80
N LEU A 111 37.97 -29.47 16.85
CA LEU A 111 36.56 -29.90 16.80
C LEU A 111 36.45 -31.24 17.54
N VAL A 112 35.63 -31.28 18.58
CA VAL A 112 35.44 -32.46 19.41
C VAL A 112 33.91 -32.79 19.43
N PRO A 113 33.52 -34.07 19.17
CA PRO A 113 32.06 -34.43 19.22
C PRO A 113 31.53 -34.25 20.62
N PRO A 114 30.28 -33.79 20.76
CA PRO A 114 29.50 -33.78 22.02
C PRO A 114 29.51 -35.16 22.63
N ARG A 115 29.71 -35.22 23.92
CA ARG A 115 29.88 -36.56 24.51
C ARG A 115 28.59 -37.41 24.42
N THR A 116 27.44 -36.78 24.30
CA THR A 116 26.22 -37.57 24.06
C THR A 116 26.23 -38.39 22.77
N ILE A 117 26.82 -37.88 21.69
CA ILE A 117 26.68 -38.65 20.44
C ILE A 117 28.05 -39.24 20.06
N HIS A 118 29.11 -38.95 20.83
CA HIS A 118 30.54 -39.29 20.42
C HIS A 118 30.77 -40.69 19.82
N ALA A 119 30.07 -41.72 20.35
CA ALA A 119 30.22 -43.11 19.93
C ALA A 119 29.33 -43.54 18.78
N LYS A 120 28.60 -42.63 18.16
CA LYS A 120 27.87 -42.90 16.89
C LYS A 120 28.67 -43.38 15.70
N PHE A 121 29.87 -42.80 15.51
CA PHE A 121 30.79 -43.05 14.37
C PHE A 121 32.23 -43.14 14.87
N THR A 122 33.13 -43.79 14.08
CA THR A 122 34.55 -43.64 14.27
C THR A 122 34.99 -42.48 13.39
N ASP A 123 34.65 -42.53 12.12
CA ASP A 123 35.19 -41.53 11.22
C ASP A 123 34.27 -40.27 11.21
N TRP A 124 34.49 -39.43 12.22
CA TRP A 124 33.71 -38.13 12.31
C TRP A 124 34.03 -37.21 11.20
N LYS A 125 35.28 -37.18 10.76
CA LYS A 125 35.68 -36.28 9.71
C LYS A 125 34.97 -36.59 8.39
N GLY A 126 34.95 -37.88 7.99
CA GLY A 126 34.15 -38.36 6.82
C GLY A 126 32.65 -38.00 6.92
N TYR A 127 32.08 -38.16 8.12
CA TYR A 127 30.69 -37.87 8.36
C TYR A 127 30.46 -36.37 8.15
N LEU A 128 31.23 -35.56 8.84
CA LEU A 128 31.12 -34.10 8.63
C LEU A 128 31.32 -33.61 7.20
N MET A 129 32.29 -34.18 6.49
CA MET A 129 32.66 -33.71 5.16
C MET A 129 31.58 -33.98 4.14
N LYS A 130 30.83 -35.06 4.40
CA LYS A 130 29.63 -35.42 3.66
C LYS A 130 28.47 -34.47 3.95
N ARG A 131 28.15 -34.26 5.22
CA ARG A 131 27.20 -33.21 5.67
C ARG A 131 27.48 -31.83 5.15
N LEU A 132 28.73 -31.55 4.87
CA LEU A 132 29.12 -30.19 4.59
C LEU A 132 29.09 -29.79 3.10
N VAL A 133 29.05 -30.77 2.19
CA VAL A 133 29.01 -30.55 0.74
C VAL A 133 27.78 -29.72 0.38
N GLY A 134 28.04 -28.59 -0.29
CA GLY A 134 26.98 -27.72 -0.80
C GLY A 134 26.28 -26.98 0.32
N SER A 135 26.90 -26.89 1.51
CA SER A 135 26.22 -26.14 2.58
C SER A 135 26.75 -24.72 2.59
N ARG A 136 26.06 -23.86 3.32
CA ARG A 136 26.40 -22.45 3.54
C ARG A 136 26.80 -22.29 4.99
N THR A 137 27.60 -21.23 5.26
CA THR A 137 28.02 -20.84 6.62
C THR A 137 27.95 -19.31 6.78
N LEU A 138 28.35 -18.75 7.91
CA LEU A 138 28.42 -17.31 8.05
C LEU A 138 29.42 -16.67 7.05
N PRO A 139 29.17 -15.40 6.65
CA PRO A 139 30.22 -14.59 6.00
C PRO A 139 31.50 -14.45 6.84
N VAL A 140 32.64 -14.36 6.12
CA VAL A 140 33.99 -14.49 6.71
C VAL A 140 34.18 -13.50 7.86
N ASP A 141 33.63 -12.33 7.60
CA ASP A 141 33.87 -11.16 8.38
C ASP A 141 32.59 -10.72 9.19
N PHE A 142 31.65 -11.64 9.33
CA PHE A 142 30.34 -11.36 9.89
C PHE A 142 30.39 -10.54 11.22
N HIS A 143 31.20 -10.98 12.19
CA HIS A 143 31.32 -10.28 13.49
C HIS A 143 32.13 -8.99 13.33
N ILE A 144 33.17 -8.99 12.51
CA ILE A 144 33.95 -7.74 12.20
C ILE A 144 33.08 -6.66 11.65
N LYS A 145 32.38 -6.95 10.57
CA LYS A 145 31.32 -6.02 10.03
C LYS A 145 30.33 -5.52 11.07
N MET A 146 29.84 -6.41 11.93
CA MET A 146 28.93 -5.92 13.00
C MET A 146 29.64 -4.97 13.98
N VAL A 147 30.83 -5.35 14.45
CA VAL A 147 31.49 -4.50 15.44
C VAL A 147 31.84 -3.09 14.86
N GLU A 148 32.27 -3.07 13.58
CA GLU A 148 32.43 -1.87 12.77
C GLU A 148 31.09 -1.16 12.59
N SER A 149 30.01 -1.93 12.49
CA SER A 149 28.71 -1.27 12.30
C SER A 149 28.23 -0.61 13.60
N MET A 150 28.61 -1.14 14.76
CA MET A 150 28.05 -0.64 16.06
C MET A 150 28.97 0.36 16.75
N LYS A 151 29.84 0.95 15.93
CA LYS A 151 30.79 1.95 16.33
C LYS A 151 30.03 3.22 16.00
N TYR A 152 29.35 3.81 16.97
CA TYR A 152 28.38 4.86 16.63
C TYR A 152 28.93 6.28 16.43
N PRO A 153 28.34 7.01 15.44
CA PRO A 153 28.75 8.34 14.97
C PRO A 153 28.41 9.49 15.94
N PHE A 154 27.25 9.42 16.61
CA PHE A 154 27.00 10.23 17.82
C PHE A 154 27.77 9.53 18.95
N ARG A 155 28.64 10.27 19.63
CA ARG A 155 29.50 9.66 20.66
C ARG A 155 29.22 10.44 21.95
N GLN A 156 29.84 10.11 23.07
CA GLN A 156 29.59 10.83 24.35
C GLN A 156 30.11 12.32 24.36
N GLY A 157 29.42 13.20 25.07
CA GLY A 157 29.78 14.62 25.03
C GLY A 157 29.17 15.38 23.86
N MET A 158 28.53 14.64 22.95
CA MET A 158 27.87 15.26 21.78
C MET A 158 26.52 15.95 22.13
N ARG A 159 26.22 17.07 21.46
CA ARG A 159 25.14 17.95 21.93
C ARG A 159 24.14 18.32 20.81
N LEU A 160 22.84 18.29 21.12
CA LEU A 160 21.75 18.66 20.14
C LEU A 160 20.42 19.07 20.81
N GLU A 161 19.32 19.11 20.07
CA GLU A 161 18.01 19.47 20.66
C GLU A 161 17.00 18.29 20.74
N VAL A 162 16.36 18.10 21.91
CA VAL A 162 15.19 17.18 22.06
C VAL A 162 13.83 17.83 22.38
N VAL A 163 12.75 17.34 21.73
CA VAL A 163 11.35 17.62 22.19
C VAL A 163 11.23 17.46 23.74
N ASP A 164 10.55 18.42 24.38
CA ASP A 164 10.28 18.39 25.84
C ASP A 164 9.18 17.36 26.18
N LYS A 165 9.52 16.33 26.96
CA LYS A 165 8.57 15.25 27.31
C LYS A 165 7.36 15.74 28.16
N SER A 166 7.59 16.66 29.11
CA SER A 166 6.48 17.30 29.86
C SER A 166 5.78 18.49 29.13
N GLN A 167 6.26 18.84 27.92
CA GLN A 167 5.71 20.00 27.17
C GLN A 167 6.05 20.06 25.64
N VAL A 168 5.31 19.30 24.83
CA VAL A 168 5.77 18.90 23.48
C VAL A 168 5.86 19.99 22.36
N SER A 169 5.28 21.17 22.60
CA SER A 169 5.42 22.30 21.66
C SER A 169 6.84 22.92 21.67
N ARG A 170 7.72 22.39 22.52
CA ARG A 170 9.05 22.99 22.70
C ARG A 170 10.19 21.95 22.72
N THR A 171 11.31 22.30 22.08
CA THR A 171 12.57 21.54 22.24
C THR A 171 13.45 22.11 23.39
N ARG A 172 14.48 21.34 23.69
CA ARG A 172 15.14 21.50 24.95
C ARG A 172 16.54 20.94 24.81
N MET A 173 17.54 21.77 25.14
CA MET A 173 18.96 21.37 25.08
C MET A 173 19.29 20.09 25.87
N ALA A 174 19.97 19.13 25.20
CA ALA A 174 20.43 17.89 25.86
C ALA A 174 21.82 17.35 25.42
N VAL A 175 22.45 16.61 26.33
CA VAL A 175 23.74 15.97 26.06
C VAL A 175 23.71 14.44 26.13
N VAL A 176 24.53 13.84 25.25
CA VAL A 176 24.74 12.39 25.18
C VAL A 176 25.53 11.80 26.36
N ASP A 177 24.79 11.18 27.26
CA ASP A 177 25.31 10.33 28.31
C ASP A 177 25.72 8.92 27.80
N THR A 178 24.79 8.03 27.50
CA THR A 178 25.27 6.71 26.98
C THR A 178 24.83 6.40 25.56
N VAL A 179 25.61 5.55 24.88
CA VAL A 179 25.31 4.99 23.56
C VAL A 179 25.27 3.45 23.59
N ILE A 180 24.14 2.84 23.28
CA ILE A 180 24.03 1.39 23.36
C ILE A 180 23.20 0.92 22.14
N GLY A 181 23.81 0.18 21.22
CA GLY A 181 23.09 -0.19 19.97
C GLY A 181 22.31 0.89 19.20
N GLY A 182 22.89 2.10 19.07
CA GLY A 182 22.25 3.15 18.27
C GLY A 182 21.38 4.01 19.14
N ARG A 183 21.11 3.58 20.37
CA ARG A 183 20.19 4.28 21.23
C ARG A 183 21.07 5.22 21.99
N LEU A 184 20.52 6.38 22.26
CA LEU A 184 21.20 7.43 23.01
C LEU A 184 20.46 7.66 24.28
N ARG A 185 21.14 7.69 25.41
CA ARG A 185 20.55 8.27 26.63
C ARG A 185 20.97 9.72 26.71
N LEU A 186 20.01 10.62 26.77
CA LEU A 186 20.36 12.03 26.91
C LEU A 186 20.01 12.64 28.29
N LEU A 187 20.82 13.58 28.74
CA LEU A 187 20.48 14.32 29.95
C LEU A 187 20.27 15.81 29.60
N TYR A 188 19.14 16.38 30.01
CA TYR A 188 18.85 17.81 29.74
C TYR A 188 19.80 18.74 30.50
N GLU A 189 20.24 19.77 29.80
CA GLU A 189 21.17 20.75 30.34
C GLU A 189 20.46 21.73 31.30
N ASP A 190 19.36 22.30 30.78
CA ASP A 190 18.50 23.36 31.38
C ASP A 190 18.20 23.25 32.89
N ASP A 195 15.93 12.37 36.26
CA ASP A 195 15.21 12.82 35.07
C ASP A 195 16.07 12.83 33.79
N ASP A 196 15.78 11.89 32.88
CA ASP A 196 16.56 11.67 31.66
C ASP A 196 15.63 11.41 30.50
N PHE A 197 16.21 10.99 29.37
CA PHE A 197 15.48 10.66 28.13
C PHE A 197 16.26 9.75 27.14
N TRP A 198 15.64 8.63 26.83
CA TRP A 198 16.18 7.73 25.85
C TRP A 198 15.49 7.83 24.52
N CYS A 199 16.25 7.67 23.45
CA CYS A 199 15.73 7.53 22.10
C CYS A 199 16.76 6.86 21.21
N HIS A 200 16.35 6.40 20.02
CA HIS A 200 17.30 6.01 18.95
C HIS A 200 17.97 7.20 18.26
N MET A 201 19.16 7.04 17.72
CA MET A 201 19.81 8.14 17.02
C MET A 201 19.11 8.56 15.71
N TRP A 202 18.16 7.72 15.24
CA TRP A 202 17.24 8.03 14.09
C TRP A 202 15.88 8.55 14.57
N SER A 203 15.83 8.99 15.83
CA SER A 203 14.64 9.62 16.41
C SER A 203 14.29 10.87 15.61
N PRO A 204 13.00 10.98 15.22
CA PRO A 204 12.46 12.26 14.69
C PRO A 204 12.32 13.32 15.84
N LEU A 205 12.49 12.91 17.09
CA LEU A 205 12.41 13.78 18.28
C LEU A 205 13.71 14.51 18.64
N ILE A 206 14.77 14.28 17.84
CA ILE A 206 16.09 14.88 18.04
C ILE A 206 16.55 15.59 16.80
N HIS A 207 17.25 16.70 17.00
CA HIS A 207 17.63 17.60 15.91
C HIS A 207 19.01 18.16 16.21
N PRO A 208 19.75 18.64 15.17
CA PRO A 208 21.05 19.25 15.52
C PRO A 208 20.84 20.63 16.16
N VAL A 209 21.77 20.99 17.03
CA VAL A 209 21.93 22.37 17.56
C VAL A 209 21.66 23.50 16.51
N GLY A 210 20.69 24.38 16.84
CA GLY A 210 20.27 25.47 15.97
C GLY A 210 18.92 25.22 15.29
N TRP A 211 18.65 23.95 15.02
CA TRP A 211 17.46 23.51 14.24
C TRP A 211 16.13 24.18 14.68
N SER A 212 15.91 24.30 16.00
CA SER A 212 14.73 25.02 16.55
C SER A 212 14.57 26.42 15.96
N ARG A 213 15.69 27.15 15.92
CA ARG A 213 15.72 28.51 15.29
C ARG A 213 15.66 28.49 13.73
N ARG A 214 16.26 27.46 13.09
CA ARG A 214 16.19 27.32 11.62
C ARG A 214 14.73 27.17 11.12
N VAL A 215 13.89 26.48 11.90
CA VAL A 215 12.46 26.27 11.50
C VAL A 215 11.36 27.17 12.13
N GLY A 216 11.64 27.76 13.29
CA GLY A 216 10.64 28.43 14.15
C GLY A 216 9.86 27.63 15.20
N HIS A 217 10.45 26.56 15.77
CA HIS A 217 9.74 25.66 16.71
C HIS A 217 9.75 26.28 18.10
N ARG A 250 15.59 14.48 4.37
CA ARG A 250 14.46 14.55 3.46
C ARG A 250 14.66 15.56 2.31
N ALA A 251 13.80 15.45 1.29
CA ALA A 251 13.40 16.55 0.35
C ALA A 251 11.95 16.33 -0.11
N VAL A 252 11.39 17.24 -0.92
CA VAL A 252 9.98 17.18 -1.32
C VAL A 252 9.70 17.73 -2.70
N TYR A 253 9.18 16.89 -3.57
CA TYR A 253 8.79 17.29 -4.91
C TYR A 253 7.28 17.27 -5.02
N THR A 254 6.66 18.41 -5.34
CA THR A 254 5.22 18.58 -5.34
C THR A 254 4.79 19.57 -6.39
N GLU A 255 3.52 19.51 -6.76
CA GLU A 255 2.89 20.51 -7.60
C GLU A 255 1.67 21.16 -6.92
N GLY A 256 1.40 22.43 -7.24
CA GLY A 256 0.30 23.16 -6.61
C GLY A 256 0.39 23.31 -5.07
N GLY A 257 -0.80 23.42 -4.47
CA GLY A 257 -0.96 23.73 -3.07
C GLY A 257 -0.29 22.75 -2.13
N TRP A 258 0.20 23.33 -1.03
CA TRP A 258 0.82 22.70 0.13
C TRP A 258 -0.15 22.73 1.33
N PHE A 259 0.37 22.29 2.50
CA PHE A 259 -0.38 22.25 3.77
C PHE A 259 -0.63 23.68 4.22
N GLU A 260 -1.82 23.95 4.72
CA GLU A 260 -2.25 25.28 5.10
C GLU A 260 -2.91 25.28 6.49
N GLU A 261 -2.78 26.42 7.21
CA GLU A 261 -3.24 26.49 8.57
C GLU A 261 -4.72 26.21 8.62
N GLY A 262 -5.13 25.40 9.59
CA GLY A 262 -6.57 25.18 9.78
C GLY A 262 -7.02 23.96 9.05
N MET A 263 -6.21 23.45 8.13
CA MET A 263 -6.49 22.16 7.50
C MET A 263 -6.64 21.03 8.49
N LYS A 264 -7.67 20.21 8.33
CA LYS A 264 -7.88 19.13 9.23
C LYS A 264 -7.26 17.77 8.71
N LEU A 265 -6.88 16.92 9.67
CA LEU A 265 -6.28 15.60 9.36
C LEU A 265 -6.40 14.71 10.59
N GLU A 266 -5.90 13.46 10.50
CA GLU A 266 -5.77 12.56 11.66
C GLU A 266 -4.24 12.45 12.01
N ALA A 267 -3.93 12.26 13.29
CA ALA A 267 -2.56 12.13 13.76
C ALA A 267 -2.47 11.28 15.03
N ILE A 268 -1.36 10.55 15.13
CA ILE A 268 -1.09 9.78 16.37
C ILE A 268 -0.87 10.74 17.48
N ASP A 269 -1.54 10.58 18.61
CA ASP A 269 -1.33 11.55 19.67
C ASP A 269 0.00 11.26 20.39
N PRO A 270 1.01 12.22 20.33
CA PRO A 270 2.35 11.99 20.96
C PRO A 270 2.22 11.77 22.46
N LEU A 271 1.07 12.06 23.02
CA LEU A 271 0.90 12.05 24.47
C LEU A 271 0.00 10.89 24.80
N ASN A 272 -0.55 10.27 23.75
CA ASN A 272 -1.11 8.95 23.90
C ASN A 272 -1.05 8.19 22.63
N LEU A 273 0.01 7.42 22.48
CA LEU A 273 0.36 6.77 21.21
C LEU A 273 -0.62 5.67 20.80
N GLY A 274 -1.50 5.25 21.70
CA GLY A 274 -2.53 4.31 21.35
C GLY A 274 -3.69 4.99 20.65
N ASN A 275 -3.71 6.32 20.61
CA ASN A 275 -4.76 7.05 19.91
C ASN A 275 -4.36 7.79 18.65
N ILE A 276 -5.29 7.71 17.70
CA ILE A 276 -5.13 8.49 16.50
C ILE A 276 -6.33 9.41 16.51
N CYS A 277 -6.04 10.69 16.52
CA CYS A 277 -7.05 11.71 16.77
C CYS A 277 -7.30 12.67 15.58
N VAL A 278 -8.45 13.35 15.64
CA VAL A 278 -8.79 14.52 14.81
C VAL A 278 -7.82 15.62 15.14
N ALA A 279 -7.14 16.11 14.13
CA ALA A 279 -6.10 17.07 14.40
C ALA A 279 -6.20 18.22 13.40
N THR A 280 -5.51 19.32 13.72
CA THR A 280 -5.55 20.52 12.88
C THR A 280 -4.11 20.96 12.65
N VAL A 281 -3.76 21.42 11.45
CA VAL A 281 -2.49 22.15 11.22
C VAL A 281 -2.62 23.55 11.84
N CYS A 282 -1.56 23.93 12.58
CA CYS A 282 -1.53 25.17 13.40
C CYS A 282 -0.67 26.25 12.81
N LYS A 283 0.38 25.77 12.14
CA LYS A 283 1.46 26.59 11.66
C LYS A 283 2.27 25.69 10.72
N VAL A 284 2.61 26.23 9.56
CA VAL A 284 3.49 25.59 8.57
C VAL A 284 4.90 26.15 8.80
N LEU A 285 5.83 25.40 9.37
CA LEU A 285 7.21 25.92 9.53
C LEU A 285 8.01 25.64 8.27
N LEU A 286 9.33 25.63 8.36
CA LEU A 286 10.09 25.59 7.12
C LEU A 286 10.71 24.18 6.90
N ASP A 287 11.22 23.94 5.70
CA ASP A 287 11.70 22.59 5.30
C ASP A 287 10.65 21.52 5.71
N GLY A 288 9.41 21.71 5.27
CA GLY A 288 8.38 20.70 5.40
C GLY A 288 7.80 20.34 6.76
N TYR A 289 8.19 21.03 7.85
CA TYR A 289 7.62 20.72 9.18
C TYR A 289 6.30 21.47 9.43
N LEU A 290 5.49 20.93 10.33
CA LEU A 290 4.13 21.37 10.52
C LEU A 290 3.83 21.31 12.01
N MET A 291 3.12 22.30 12.54
CA MET A 291 2.77 22.23 13.95
C MET A 291 1.33 21.74 13.97
N ILE A 292 1.09 20.63 14.66
CA ILE A 292 -0.29 20.10 14.75
C ILE A 292 -0.83 20.09 16.19
N CYS A 293 -2.15 20.06 16.36
CA CYS A 293 -2.70 19.79 17.68
C CYS A 293 -3.98 18.93 17.64
N VAL A 294 -4.30 18.27 18.76
CA VAL A 294 -5.58 17.52 18.87
C VAL A 294 -6.77 18.46 19.10
N ASP A 295 -7.85 18.30 18.31
CA ASP A 295 -9.05 19.16 18.51
C ASP A 295 -9.76 18.93 19.86
N ASP A 304 0.62 20.83 23.78
CA ASP A 304 -0.58 21.14 22.96
C ASP A 304 -0.19 21.03 21.48
N TRP A 305 0.56 22.03 20.98
CA TRP A 305 1.02 21.95 19.60
C TRP A 305 2.11 20.92 19.67
N PHE A 306 2.25 20.13 18.59
CA PHE A 306 3.38 19.20 18.44
C PHE A 306 3.84 19.31 17.04
N CYS A 307 5.15 19.17 16.85
CA CYS A 307 5.72 19.10 15.54
C CYS A 307 5.80 17.67 14.84
N TYR A 308 5.29 17.55 13.60
CA TYR A 308 5.63 16.47 12.70
C TYR A 308 6.18 16.98 11.36
N HIS A 309 7.22 16.37 10.81
CA HIS A 309 7.52 16.58 9.36
C HIS A 309 6.35 16.08 8.45
N ALA A 310 6.16 16.75 7.31
CA ALA A 310 5.10 16.42 6.28
C ALA A 310 5.18 14.99 5.65
N SER A 311 6.43 14.49 5.57
CA SER A 311 6.72 13.08 5.26
C SER A 311 6.49 12.09 6.42
N SER A 312 6.06 12.59 7.58
CA SER A 312 5.90 11.75 8.73
C SER A 312 4.87 10.64 8.48
N HIS A 313 5.14 9.51 9.09
CA HIS A 313 4.23 8.39 8.98
C HIS A 313 3.26 8.33 10.10
N ALA A 314 3.31 9.38 10.94
CA ALA A 314 2.39 9.54 12.07
C ALA A 314 1.15 10.43 11.86
N ILE A 315 1.05 11.10 10.71
CA ILE A 315 -0.14 11.85 10.26
C ILE A 315 -0.80 11.16 9.07
N PHE A 316 -2.15 11.29 8.95
CA PHE A 316 -2.91 10.62 7.87
C PHE A 316 -3.98 11.57 7.40
N PRO A 317 -4.51 11.35 6.19
CA PRO A 317 -5.63 12.14 5.72
C PRO A 317 -6.92 11.88 6.52
N ALA A 318 -7.84 12.86 6.54
CA ALA A 318 -9.19 12.65 7.16
C ALA A 318 -9.83 11.43 6.54
N THR A 319 -10.42 10.57 7.38
CA THR A 319 -11.07 9.30 6.98
C THR A 319 -10.17 8.06 6.80
N PHE A 320 -8.86 8.21 6.96
CA PHE A 320 -7.94 7.11 7.02
C PHE A 320 -8.39 5.95 7.99
N CYS A 321 -8.71 6.33 9.24
CA CYS A 321 -9.20 5.42 10.29
C CYS A 321 -10.45 4.60 9.95
N GLN A 322 -11.53 5.26 9.57
CA GLN A 322 -12.73 4.57 9.15
C GLN A 322 -12.48 3.74 7.89
N LYS A 323 -11.75 4.24 6.90
CA LYS A 323 -11.39 3.38 5.76
C LYS A 323 -10.65 2.13 6.11
N ASN A 324 -9.87 2.19 7.20
CA ASN A 324 -8.99 1.10 7.55
C ASN A 324 -9.41 0.47 8.82
N ASP A 325 -10.62 0.74 9.26
CA ASP A 325 -11.14 0.04 10.40
C ASP A 325 -10.28 0.24 11.65
N ILE A 326 -9.80 1.46 11.87
CA ILE A 326 -9.13 1.82 13.08
C ILE A 326 -10.10 2.71 13.80
N GLU A 327 -10.17 2.50 15.12
CA GLU A 327 -10.90 3.40 16.00
C GLU A 327 -10.30 4.83 16.12
N LEU A 328 -11.01 5.80 15.54
CA LEU A 328 -10.62 7.19 15.60
C LEU A 328 -11.04 7.78 16.95
N THR A 329 -10.14 8.41 17.69
CA THR A 329 -10.59 9.13 18.90
C THR A 329 -10.98 10.54 18.49
N PRO A 330 -12.29 10.87 18.68
CA PRO A 330 -12.88 12.14 18.21
C PRO A 330 -12.65 13.24 19.25
N PRO A 331 -12.89 14.52 18.86
CA PRO A 331 -12.59 15.63 19.79
C PRO A 331 -13.52 15.56 21.02
N LYS A 332 -13.01 15.96 22.19
CA LYS A 332 -13.78 15.92 23.45
C LYS A 332 -15.18 16.49 23.20
N GLY A 333 -16.21 15.67 23.44
CA GLY A 333 -17.58 16.01 23.05
C GLY A 333 -18.24 14.92 22.22
N TYR A 334 -17.68 14.64 21.04
CA TYR A 334 -18.22 13.61 20.12
C TYR A 334 -17.97 12.20 20.69
N GLU A 335 -18.43 11.14 20.01
CA GLU A 335 -18.15 9.76 20.49
C GLU A 335 -17.61 8.74 19.46
N ALA A 336 -18.31 8.56 18.34
CA ALA A 336 -17.92 7.63 17.24
C ALA A 336 -17.38 6.22 17.59
N GLN A 337 -18.09 5.12 17.31
CA GLN A 337 -19.52 4.95 16.97
C GLN A 337 -20.21 5.80 15.89
N THR A 338 -20.23 7.12 16.09
CA THR A 338 -21.07 8.04 15.34
C THR A 338 -20.34 9.20 14.60
N PHE A 339 -19.20 9.67 15.11
CA PHE A 339 -18.41 10.78 14.49
C PHE A 339 -18.38 10.65 12.97
N ASN A 340 -18.47 11.77 12.29
CA ASN A 340 -18.66 11.77 10.85
C ASN A 340 -17.83 12.97 10.39
N TRP A 341 -16.84 12.70 9.55
CA TRP A 341 -15.94 13.76 9.09
C TRP A 341 -16.75 14.74 8.23
N GLU A 342 -17.63 14.16 7.41
CA GLU A 342 -18.55 14.92 6.52
C GLU A 342 -19.25 15.98 7.35
N ASN A 343 -19.80 15.58 8.50
CA ASN A 343 -20.55 16.54 9.30
C ASN A 343 -19.62 17.43 10.13
N TYR A 344 -18.46 16.90 10.53
CA TYR A 344 -17.51 17.69 11.33
C TYR A 344 -16.87 18.84 10.57
N LEU A 345 -16.43 18.59 9.35
CA LEU A 345 -15.95 19.62 8.45
C LEU A 345 -17.04 20.71 8.19
N GLU A 346 -18.23 20.28 7.75
CA GLU A 346 -19.44 21.19 7.67
C GLU A 346 -19.62 22.14 8.87
N LYS A 347 -19.78 21.56 10.07
CA LYS A 347 -19.91 22.25 11.37
C LYS A 347 -18.73 23.19 11.83
N THR A 348 -17.50 22.77 11.62
CA THR A 348 -16.33 23.54 12.08
C THR A 348 -16.01 24.53 10.96
N LYS A 349 -16.85 24.47 9.91
CA LYS A 349 -16.61 25.20 8.64
C LYS A 349 -15.09 25.08 8.28
N SER A 350 -14.64 23.84 8.01
CA SER A 350 -13.21 23.48 7.72
C SER A 350 -12.94 22.65 6.44
N LYS A 351 -11.71 22.74 5.88
CA LYS A 351 -11.20 21.75 4.87
C LYS A 351 -10.09 20.72 5.33
N ALA A 352 -10.20 19.48 4.85
CA ALA A 352 -9.20 18.43 5.07
C ALA A 352 -7.93 18.67 4.22
N ALA A 353 -6.76 18.47 4.79
CA ALA A 353 -5.53 18.48 4.05
C ALA A 353 -5.74 17.48 2.93
N PRO A 354 -5.37 17.85 1.69
CA PRO A 354 -5.60 16.83 0.65
C PRO A 354 -4.74 15.61 0.82
N SER A 355 -5.30 14.47 0.46
CA SER A 355 -4.64 13.19 0.48
C SER A 355 -3.32 13.08 -0.28
N ARG A 356 -3.18 13.80 -1.39
CA ARG A 356 -1.95 13.67 -2.19
C ARG A 356 -0.65 14.19 -1.50
N LEU A 357 -0.80 15.00 -0.42
CA LEU A 357 0.37 15.48 0.33
C LEU A 357 0.99 14.48 1.35
N PHE A 358 0.24 13.46 1.74
CA PHE A 358 0.65 12.53 2.79
C PHE A 358 1.64 11.43 2.18
N ASN A 359 2.63 10.99 2.97
CA ASN A 359 3.63 10.02 2.55
C ASN A 359 3.13 8.67 3.02
N MET A 360 2.20 8.07 2.29
CA MET A 360 1.51 6.86 2.74
C MET A 360 1.99 5.50 2.20
N ASP A 361 2.76 5.54 1.11
CA ASP A 361 3.22 4.33 0.38
C ASP A 361 3.69 3.25 1.28
N CYS A 362 3.17 2.06 1.00
CA CYS A 362 3.31 0.84 1.81
C CYS A 362 4.09 -0.33 1.15
N PRO A 363 5.35 -0.56 1.60
CA PRO A 363 6.14 -1.79 1.29
C PRO A 363 5.50 -3.16 1.73
N ASN A 364 5.99 -4.24 1.13
CA ASN A 364 5.90 -5.54 1.76
C ASN A 364 6.98 -5.48 2.84
N HIS A 365 6.55 -5.09 4.02
CA HIS A 365 7.48 -4.77 5.07
C HIS A 365 7.62 -6.03 5.93
N GLY A 366 6.73 -6.98 5.71
CA GLY A 366 6.87 -8.27 6.28
C GLY A 366 6.36 -8.51 7.67
N PHE A 367 5.85 -7.48 8.38
CA PHE A 367 5.24 -7.71 9.65
C PHE A 367 3.87 -8.33 9.48
N LYS A 368 3.58 -9.29 10.36
CA LYS A 368 2.32 -10.01 10.41
C LYS A 368 1.79 -10.04 11.87
N VAL A 369 0.48 -10.01 12.00
CA VAL A 369 -0.20 -9.95 13.24
C VAL A 369 0.32 -11.20 13.95
N GLY A 370 0.63 -11.06 15.23
CA GLY A 370 1.08 -12.25 15.99
C GLY A 370 2.63 -12.27 16.13
N MET A 371 3.34 -11.53 15.33
CA MET A 371 4.79 -11.71 15.35
C MET A 371 5.35 -11.08 16.62
N LYS A 372 6.27 -11.79 17.33
CA LYS A 372 6.97 -11.21 18.51
C LYS A 372 8.15 -10.33 18.17
N LEU A 373 8.48 -9.40 19.07
CA LEU A 373 9.60 -8.45 18.88
C LEU A 373 9.89 -7.78 20.24
N GLU A 374 10.89 -6.90 20.24
CA GLU A 374 11.25 -6.03 21.41
C GLU A 374 10.86 -4.60 21.11
N ALA A 375 9.98 -4.01 21.94
CA ALA A 375 9.51 -2.66 21.63
C ALA A 375 9.88 -1.67 22.76
N VAL A 376 10.34 -0.49 22.37
CA VAL A 376 10.54 0.59 23.35
C VAL A 376 9.16 1.03 23.81
N ASP A 377 8.97 1.19 25.15
CA ASP A 377 7.72 1.71 25.73
C ASP A 377 7.86 3.21 25.60
N LEU A 378 7.21 3.84 24.63
CA LEU A 378 7.60 5.17 24.19
C LEU A 378 7.19 6.26 25.21
N MET A 379 6.36 5.86 26.16
CA MET A 379 6.01 6.73 27.36
C MET A 379 7.02 6.65 28.48
N GLU A 380 7.96 5.70 28.36
CA GLU A 380 9.01 5.50 29.32
C GLU A 380 10.13 4.75 28.59
N PRO A 381 10.84 5.49 27.73
CA PRO A 381 11.66 4.98 26.65
C PRO A 381 12.94 4.34 27.10
N ARG A 382 13.20 4.31 28.41
CA ARG A 382 14.29 3.51 28.98
C ARG A 382 13.87 2.03 28.98
N LEU A 383 12.55 1.81 28.93
CA LEU A 383 12.05 0.42 28.98
C LEU A 383 11.95 -0.18 27.57
N ILE A 384 12.54 -1.39 27.37
CA ILE A 384 12.38 -2.12 26.09
C ILE A 384 11.79 -3.42 26.54
N CYS A 385 10.64 -3.77 25.93
CA CYS A 385 9.73 -4.82 26.46
C CYS A 385 9.37 -5.88 25.42
N VAL A 386 9.01 -7.08 25.90
CA VAL A 386 8.57 -8.19 25.04
C VAL A 386 7.21 -7.66 24.44
N ALA A 387 6.94 -7.88 23.18
CA ALA A 387 5.84 -7.23 22.54
C ALA A 387 5.45 -8.03 21.29
N THR A 388 4.26 -7.69 20.82
CA THR A 388 3.55 -8.42 19.75
C THR A 388 3.00 -7.42 18.82
N VAL A 389 3.05 -7.76 17.53
CA VAL A 389 2.33 -7.06 16.48
C VAL A 389 0.83 -7.35 16.54
N LYS A 390 0.04 -6.38 16.98
CA LYS A 390 -1.35 -6.67 17.15
C LYS A 390 -2.20 -6.21 15.91
N ARG A 391 -1.72 -5.23 15.15
CA ARG A 391 -2.44 -4.85 13.96
C ARG A 391 -1.41 -4.47 12.93
N VAL A 392 -1.69 -4.76 11.66
CA VAL A 392 -0.85 -4.18 10.57
C VAL A 392 -1.92 -3.45 9.72
N VAL A 393 -1.74 -2.15 9.49
CA VAL A 393 -2.69 -1.36 8.76
C VAL A 393 -1.87 -0.60 7.76
N HIS A 394 -1.66 -1.18 6.60
CA HIS A 394 -0.67 -0.65 5.65
C HIS A 394 0.66 -0.54 6.36
N ARG A 395 1.23 0.65 6.40
CA ARG A 395 2.48 0.99 7.09
C ARG A 395 2.46 0.91 8.64
N LEU A 396 1.27 0.82 9.24
CA LEU A 396 1.16 1.19 10.67
C LEU A 396 0.99 -0.06 11.43
N LEU A 397 1.73 -0.17 12.55
CA LEU A 397 1.62 -1.33 13.41
C LEU A 397 1.03 -0.87 14.72
N SER A 398 0.11 -1.65 15.26
CA SER A 398 -0.22 -1.56 16.64
C SER A 398 0.61 -2.63 17.43
N ILE A 399 1.43 -2.09 18.32
CA ILE A 399 2.24 -2.91 19.22
C ILE A 399 1.59 -3.08 20.59
N HIS A 400 1.40 -4.35 20.94
CA HIS A 400 0.87 -4.81 22.22
C HIS A 400 2.02 -5.32 23.15
N PHE A 401 2.00 -4.93 24.45
CA PHE A 401 3.06 -5.28 25.39
C PHE A 401 2.53 -6.43 26.14
N ASP A 402 3.05 -7.62 25.84
CA ASP A 402 2.58 -8.86 26.47
C ASP A 402 2.54 -8.70 27.98
N GLY A 403 1.36 -8.98 28.56
CA GLY A 403 1.17 -8.94 30.04
C GLY A 403 0.52 -7.66 30.49
N TRP A 404 0.43 -6.67 29.61
CA TRP A 404 -0.19 -5.43 29.92
C TRP A 404 -1.53 -5.26 29.18
N ASP A 405 -2.34 -4.35 29.73
CA ASP A 405 -3.66 -4.02 29.23
C ASP A 405 -3.55 -3.38 27.87
N SER A 406 -4.64 -3.41 27.11
CA SER A 406 -4.67 -2.84 25.78
C SER A 406 -4.48 -1.34 25.75
N GLU A 407 -4.66 -0.71 26.89
CA GLU A 407 -4.42 0.71 27.08
C GLU A 407 -2.94 1.10 26.95
N TYR A 408 -2.01 0.16 27.08
CA TYR A 408 -0.61 0.47 26.85
C TYR A 408 -0.23 0.31 25.41
N ASP A 409 -1.16 -0.11 24.53
CA ASP A 409 -0.80 -0.37 23.14
C ASP A 409 -0.31 0.92 22.46
N GLN A 410 0.53 0.80 21.46
CA GLN A 410 1.04 1.97 20.81
C GLN A 410 1.06 1.71 19.28
N TRP A 411 0.66 2.76 18.56
CA TRP A 411 0.74 2.89 17.10
C TRP A 411 2.10 3.45 16.72
N VAL A 412 2.83 2.72 15.88
CA VAL A 412 4.16 3.05 15.42
C VAL A 412 4.24 2.69 13.94
N ASP A 413 5.14 3.33 13.26
CA ASP A 413 5.36 3.01 11.84
C ASP A 413 6.18 1.72 11.69
N CYS A 414 5.88 0.91 10.68
CA CYS A 414 6.73 -0.24 10.37
C CYS A 414 8.27 -0.01 10.32
N GLU A 415 8.73 1.19 9.92
CA GLU A 415 10.16 1.49 9.91
C GLU A 415 10.59 2.28 11.11
N SER A 416 9.77 2.32 12.15
CA SER A 416 10.16 2.97 13.41
C SER A 416 11.48 2.41 13.96
N PRO A 417 12.38 3.30 14.39
CA PRO A 417 13.68 2.89 14.94
C PRO A 417 13.57 2.46 16.40
N ASP A 418 12.35 2.30 16.90
CA ASP A 418 12.04 2.05 18.29
C ASP A 418 11.45 0.66 18.50
N ILE A 419 11.58 -0.19 17.47
CA ILE A 419 11.18 -1.61 17.55
C ILE A 419 12.37 -2.36 17.06
N TYR A 420 12.58 -3.56 17.64
CA TYR A 420 13.79 -4.35 17.44
C TYR A 420 13.45 -5.82 17.34
N PRO A 421 14.29 -6.59 16.67
CA PRO A 421 14.13 -8.02 16.62
C PRO A 421 14.29 -8.70 17.97
N VAL A 422 13.58 -9.79 18.15
CA VAL A 422 13.88 -10.68 19.21
C VAL A 422 15.43 -10.89 19.28
N GLY A 423 16.00 -10.70 20.46
CA GLY A 423 17.40 -10.97 20.71
C GLY A 423 18.23 -9.72 20.61
N TRP A 424 17.61 -8.60 20.31
CA TRP A 424 18.36 -7.35 20.20
C TRP A 424 18.98 -6.87 21.55
N CYS A 425 18.20 -6.88 22.60
CA CYS A 425 18.72 -6.60 23.93
C CYS A 425 19.91 -7.45 24.34
N GLU A 426 19.86 -8.73 24.05
CA GLU A 426 20.87 -9.71 24.32
C GLU A 426 22.11 -9.41 23.46
N LEU A 427 21.89 -8.95 22.25
CA LEU A 427 23.00 -8.68 21.38
C LEU A 427 23.72 -7.42 21.79
N THR A 428 22.96 -6.38 22.19
CA THR A 428 23.53 -5.09 22.62
C THR A 428 23.90 -4.96 24.08
N GLY A 429 23.53 -5.91 24.91
CA GLY A 429 23.68 -5.80 26.28
C GLY A 429 22.63 -4.99 27.01
N TYR A 430 21.52 -4.65 26.42
CA TYR A 430 20.52 -3.85 27.09
C TYR A 430 19.62 -4.79 27.90
N GLN A 431 18.90 -4.30 28.88
CA GLN A 431 18.01 -5.14 29.68
C GLN A 431 16.59 -5.19 29.07
N LEU A 432 16.03 -6.39 28.91
CA LEU A 432 14.74 -6.57 28.31
C LEU A 432 13.72 -6.61 29.43
N GLN A 433 12.59 -5.90 29.28
CA GLN A 433 11.54 -5.99 30.28
C GLN A 433 10.72 -7.25 30.02
N PRO A 434 10.48 -8.02 31.09
CA PRO A 434 9.70 -9.21 30.81
C PRO A 434 8.19 -8.87 30.65
N PRO A 435 7.43 -9.82 30.10
CA PRO A 435 6.07 -9.65 29.73
C PRO A 435 5.11 -9.84 30.88
N VAL A 436 5.16 -8.92 31.86
CA VAL A 436 4.34 -9.01 33.09
C VAL A 436 4.00 -7.62 33.58
N ALA A 437 2.74 -7.33 33.89
CA ALA A 437 2.40 -6.10 34.62
C ALA A 437 3.09 -6.08 36.04
N ALA A 438 4.32 -5.54 36.07
CA ALA A 438 5.17 -5.40 37.26
C ALA A 438 6.07 -4.22 36.89
N GLU A 439 6.86 -3.71 37.83
CA GLU A 439 7.78 -2.61 37.45
C GLU A 439 9.21 -3.16 37.32
N PRO A 440 10.15 -2.39 36.69
CA PRO A 440 11.55 -2.81 36.56
C PRO A 440 12.28 -3.14 37.88
N GLN B 3 -36.94 -8.73 -33.26
CA GLN B 3 -36.05 -9.83 -32.77
C GLN B 3 -34.68 -9.56 -33.35
N ASP B 4 -34.47 -10.05 -34.56
CA ASP B 4 -33.22 -9.89 -35.28
C ASP B 4 -32.92 -8.41 -35.53
N ALA B 5 -34.01 -7.64 -35.77
CA ALA B 5 -34.01 -6.19 -36.14
C ALA B 5 -33.47 -5.25 -35.05
N LEU B 6 -33.65 -5.59 -33.78
CA LEU B 6 -33.18 -4.77 -32.71
C LEU B 6 -31.76 -5.17 -32.32
N VAL B 7 -30.81 -4.60 -33.03
CA VAL B 7 -29.42 -4.78 -32.76
C VAL B 7 -28.93 -3.64 -31.87
N LEU B 8 -29.05 -3.82 -30.57
CA LEU B 8 -28.57 -2.86 -29.59
C LEU B 8 -27.09 -2.99 -29.08
N GLY B 9 -26.39 -3.98 -29.54
CA GLY B 9 -25.01 -3.97 -29.11
C GLY B 9 -24.78 -4.94 -27.97
N PHE B 10 -23.57 -4.88 -27.41
CA PHE B 10 -23.07 -5.96 -26.63
C PHE B 10 -23.92 -6.06 -25.35
N ASP B 11 -24.40 -7.22 -25.03
CA ASP B 11 -25.14 -7.34 -23.79
C ASP B 11 -24.31 -8.15 -22.79
N TRP B 12 -23.88 -7.51 -21.67
CA TRP B 12 -23.18 -8.26 -20.62
C TRP B 12 -24.04 -9.38 -20.03
N GLY B 13 -25.38 -9.27 -20.05
CA GLY B 13 -26.24 -10.25 -19.38
C GLY B 13 -26.27 -11.60 -20.05
N LYS B 14 -26.53 -11.61 -21.34
CA LYS B 14 -26.30 -12.71 -22.22
C LYS B 14 -24.87 -13.30 -22.05
N PHE B 15 -23.83 -12.47 -22.24
CA PHE B 15 -22.44 -12.87 -22.05
C PHE B 15 -22.10 -13.59 -20.76
N LEU B 16 -22.61 -13.07 -19.65
CA LEU B 16 -22.30 -13.57 -18.34
C LEU B 16 -23.35 -14.53 -17.84
N LYS B 17 -24.31 -14.90 -18.69
CA LYS B 17 -25.27 -15.97 -18.35
C LYS B 17 -24.82 -17.27 -18.96
N ASP B 18 -24.22 -17.20 -20.15
CA ASP B 18 -23.73 -18.41 -20.86
C ASP B 18 -22.56 -19.11 -20.09
N HIS B 19 -21.79 -18.29 -19.35
CA HIS B 19 -20.31 -18.41 -19.23
C HIS B 19 -19.68 -18.35 -17.81
N SER B 20 -20.46 -18.34 -16.72
CA SER B 20 -19.96 -18.00 -15.33
C SER B 20 -18.65 -17.18 -15.06
N TYR B 21 -18.63 -15.90 -15.46
CA TYR B 21 -17.46 -15.02 -15.17
C TYR B 21 -17.64 -14.22 -13.93
N LYS B 22 -16.54 -13.83 -13.30
CA LYS B 22 -16.58 -12.87 -12.23
C LYS B 22 -16.20 -11.49 -12.86
N ALA B 23 -16.91 -10.43 -12.45
CA ALA B 23 -16.62 -9.07 -12.92
C ALA B 23 -15.81 -8.45 -11.77
N ALA B 24 -14.85 -7.60 -12.07
CA ALA B 24 -14.23 -6.79 -11.01
C ALA B 24 -15.31 -5.89 -10.37
N PRO B 25 -15.39 -5.83 -8.99
CA PRO B 25 -16.45 -5.07 -8.35
C PRO B 25 -16.25 -3.56 -8.44
N VAL B 26 -17.30 -2.80 -8.24
CA VAL B 26 -17.19 -1.28 -8.28
C VAL B 26 -16.13 -0.76 -7.35
N SER B 27 -15.97 -1.41 -6.18
CA SER B 27 -15.04 -0.91 -5.20
C SER B 27 -13.58 -1.03 -5.68
N CYS B 28 -13.31 -1.69 -6.78
CA CYS B 28 -11.96 -1.63 -7.35
C CYS B 28 -11.55 -0.33 -8.03
N PHE B 29 -12.47 0.58 -8.33
CA PHE B 29 -12.21 1.67 -9.28
C PHE B 29 -12.49 3.02 -8.57
N LYS B 30 -11.46 3.80 -8.28
CA LYS B 30 -11.67 5.00 -7.49
C LYS B 30 -12.32 6.18 -8.24
N HIS B 31 -12.21 6.22 -9.55
CA HIS B 31 -12.65 7.38 -10.30
C HIS B 31 -14.13 7.33 -10.66
N VAL B 32 -14.86 6.30 -10.22
CA VAL B 32 -16.16 6.03 -10.89
C VAL B 32 -17.40 6.39 -10.07
N PRO B 33 -18.51 6.71 -10.72
CA PRO B 33 -19.71 7.10 -9.96
C PRO B 33 -20.18 5.95 -9.11
N LEU B 34 -20.93 6.27 -8.07
CA LEU B 34 -21.43 5.32 -7.08
C LEU B 34 -20.32 4.73 -6.19
N TYR B 35 -19.08 5.12 -6.46
CA TYR B 35 -17.92 4.55 -5.77
C TYR B 35 -17.95 4.51 -4.24
N ASP B 36 -18.62 5.50 -3.64
CA ASP B 36 -18.66 5.66 -2.14
C ASP B 36 -19.88 5.02 -1.54
N GLN B 37 -21.00 5.25 -2.22
CA GLN B 37 -22.31 4.64 -1.90
C GLN B 37 -22.34 3.11 -2.11
N TRP B 38 -21.19 2.54 -2.50
CA TRP B 38 -21.07 1.13 -2.96
C TRP B 38 -20.85 0.00 -1.96
N GLU B 39 -21.34 -1.19 -2.40
CA GLU B 39 -21.53 -2.44 -1.69
C GLU B 39 -22.22 -2.09 -0.38
N ASP B 40 -23.06 -1.03 -0.51
CA ASP B 40 -24.37 -0.95 0.13
C ASP B 40 -25.19 -2.03 -0.60
N VAL B 41 -24.73 -2.34 -1.83
CA VAL B 41 -25.26 -3.37 -2.75
C VAL B 41 -24.60 -4.75 -2.69
N MET B 42 -25.42 -5.79 -2.55
CA MET B 42 -24.91 -7.17 -2.57
C MET B 42 -26.05 -8.16 -2.38
N LYS B 43 -25.70 -9.42 -2.53
CA LYS B 43 -26.60 -10.54 -2.53
C LYS B 43 -27.65 -10.37 -1.48
N GLY B 44 -28.91 -10.42 -1.88
CA GLY B 44 -30.03 -10.37 -0.95
C GLY B 44 -30.69 -9.05 -0.71
N MET B 45 -30.10 -7.92 -1.17
CA MET B 45 -30.71 -6.61 -1.00
C MET B 45 -31.99 -6.57 -1.84
N LYS B 46 -32.97 -5.89 -1.31
CA LYS B 46 -34.33 -5.79 -1.92
C LYS B 46 -34.53 -4.43 -2.52
N VAL B 47 -35.21 -4.41 -3.65
CA VAL B 47 -35.47 -3.15 -4.35
C VAL B 47 -36.91 -3.21 -4.89
N GLU B 48 -37.51 -2.06 -5.10
CA GLU B 48 -38.72 -1.88 -5.90
C GLU B 48 -38.33 -1.58 -7.38
N VAL B 49 -38.74 -2.41 -8.31
CA VAL B 49 -38.36 -2.29 -9.73
C VAL B 49 -39.63 -2.35 -10.56
N LEU B 50 -39.51 -1.89 -11.80
CA LEU B 50 -40.57 -1.98 -12.75
C LEU B 50 -41.01 -3.48 -12.86
N ASN B 51 -42.31 -3.70 -12.80
CA ASN B 51 -42.94 -4.95 -13.20
C ASN B 51 -43.04 -4.91 -14.75
N SER B 52 -42.27 -5.76 -15.43
CA SER B 52 -42.18 -5.72 -16.89
C SER B 52 -43.15 -6.66 -17.61
N ASP B 53 -43.81 -7.55 -16.85
CA ASP B 53 -44.90 -8.47 -17.29
C ASP B 53 -46.15 -7.95 -16.63
N ALA B 54 -46.47 -6.70 -17.01
CA ALA B 54 -47.67 -5.98 -16.60
C ALA B 54 -48.40 -5.76 -17.91
N VAL B 55 -49.64 -5.22 -17.91
CA VAL B 55 -50.37 -4.93 -19.19
C VAL B 55 -50.68 -3.47 -19.61
N LEU B 56 -50.46 -2.54 -18.70
CA LEU B 56 -51.08 -1.20 -18.71
C LEU B 56 -50.20 -0.04 -18.21
N PRO B 57 -49.26 0.47 -19.04
CA PRO B 57 -48.64 1.75 -18.55
C PRO B 57 -49.62 3.00 -18.70
N SER B 58 -50.03 3.67 -17.60
CA SER B 58 -49.47 3.74 -16.23
C SER B 58 -48.94 2.49 -15.53
N ARG B 59 -47.62 2.35 -15.63
CA ARG B 59 -46.85 1.20 -15.26
C ARG B 59 -46.79 0.80 -13.75
N VAL B 60 -46.53 -0.46 -13.54
CA VAL B 60 -46.52 -0.93 -12.15
C VAL B 60 -45.17 -1.62 -11.72
N TYR B 61 -45.04 -1.85 -10.41
CA TYR B 61 -43.74 -2.17 -9.76
C TYR B 61 -43.89 -3.44 -8.98
N TRP B 62 -42.78 -4.03 -8.58
CA TRP B 62 -42.82 -5.23 -7.73
C TRP B 62 -41.44 -5.20 -7.04
N ILE B 63 -41.29 -5.98 -5.96
CA ILE B 63 -40.06 -6.04 -5.18
C ILE B 63 -39.21 -7.16 -5.81
N ALA B 64 -37.90 -6.95 -5.82
CA ALA B 64 -37.02 -8.03 -6.32
C ALA B 64 -35.77 -8.08 -5.44
N SER B 65 -35.04 -9.17 -5.53
CA SER B 65 -33.92 -9.25 -4.71
C SER B 65 -32.66 -9.67 -5.48
N VAL B 66 -31.55 -9.07 -5.09
CA VAL B 66 -30.21 -9.33 -5.70
C VAL B 66 -29.78 -10.81 -5.57
N ILE B 67 -29.61 -11.43 -6.72
CA ILE B 67 -29.12 -12.79 -6.80
C ILE B 67 -27.57 -12.76 -6.93
N GLN B 68 -27.08 -11.89 -7.83
CA GLN B 68 -25.66 -11.77 -8.03
C GLN B 68 -25.31 -10.30 -8.54
N THR B 69 -24.06 -9.88 -8.31
CA THR B 69 -23.60 -8.57 -8.75
C THR B 69 -22.52 -8.75 -9.77
N ALA B 70 -22.46 -7.82 -10.70
CA ALA B 70 -21.46 -7.83 -11.76
C ALA B 70 -21.20 -6.36 -12.07
N GLY B 71 -20.16 -5.82 -11.41
CA GLY B 71 -19.96 -4.37 -11.43
C GLY B 71 -21.20 -3.62 -11.01
N TYR B 72 -21.65 -2.63 -11.83
CA TYR B 72 -22.85 -1.91 -11.62
C TYR B 72 -24.14 -2.67 -11.88
N ARG B 73 -24.07 -3.85 -12.48
CA ARG B 73 -25.28 -4.60 -12.84
C ARG B 73 -25.68 -5.56 -11.71
N VAL B 74 -26.93 -5.62 -11.41
CA VAL B 74 -27.37 -6.72 -10.52
C VAL B 74 -28.37 -7.64 -11.24
N LEU B 75 -28.28 -8.91 -10.89
CA LEU B 75 -29.22 -9.91 -11.36
C LEU B 75 -30.28 -10.05 -10.30
N LEU B 76 -31.50 -9.75 -10.67
CA LEU B 76 -32.67 -9.69 -9.80
C LEU B 76 -33.60 -10.82 -10.04
N ARG B 77 -34.21 -11.23 -8.96
CA ARG B 77 -35.26 -12.20 -8.99
C ARG B 77 -36.50 -11.55 -8.29
N TYR B 78 -37.60 -11.47 -9.03
CA TYR B 78 -38.84 -10.93 -8.45
C TYR B 78 -39.33 -11.75 -7.22
N GLU B 79 -39.80 -11.08 -6.17
CA GLU B 79 -40.27 -11.78 -5.00
C GLU B 79 -41.46 -12.78 -5.34
N GLY B 80 -41.37 -14.01 -4.84
CA GLY B 80 -42.35 -15.07 -5.10
C GLY B 80 -41.86 -16.14 -6.11
N PHE B 81 -40.84 -15.88 -6.92
CA PHE B 81 -40.26 -16.94 -7.79
C PHE B 81 -39.48 -18.01 -6.99
N GLU B 82 -38.98 -17.61 -5.83
CA GLU B 82 -38.29 -18.49 -4.88
C GLU B 82 -37.04 -19.14 -5.44
N ASN B 83 -37.11 -20.44 -5.78
CA ASN B 83 -35.97 -21.10 -6.41
C ASN B 83 -35.98 -21.08 -7.96
N ASP B 84 -37.10 -20.68 -8.55
CA ASP B 84 -37.26 -20.60 -9.95
C ASP B 84 -36.46 -19.36 -10.50
N ALA B 85 -35.26 -19.62 -11.06
CA ALA B 85 -34.38 -18.69 -11.68
C ALA B 85 -34.78 -18.28 -13.10
N SER B 86 -35.87 -18.83 -13.64
CA SER B 86 -36.19 -18.66 -15.04
C SER B 86 -36.56 -17.28 -15.52
N HIS B 87 -36.76 -16.32 -14.61
CA HIS B 87 -37.20 -14.99 -14.99
C HIS B 87 -36.28 -13.96 -14.29
N ASP B 88 -35.07 -14.38 -13.93
CA ASP B 88 -34.11 -13.51 -13.34
C ASP B 88 -33.75 -12.48 -14.42
N PHE B 89 -33.55 -11.21 -14.06
CA PHE B 89 -33.23 -10.16 -15.07
C PHE B 89 -32.15 -9.19 -14.52
N TRP B 90 -31.36 -8.56 -15.40
CA TRP B 90 -30.27 -7.68 -14.97
C TRP B 90 -30.82 -6.30 -14.83
N CYS B 91 -30.33 -5.56 -13.85
CA CYS B 91 -30.72 -4.22 -13.72
C CYS B 91 -29.42 -3.42 -13.49
N ASN B 92 -29.20 -2.37 -14.27
CA ASN B 92 -28.06 -1.54 -14.00
C ASN B 92 -28.49 -0.54 -12.86
N LEU B 93 -27.77 -0.45 -11.74
CA LEU B 93 -28.10 0.40 -10.58
C LEU B 93 -28.03 1.92 -10.78
N GLY B 94 -27.54 2.39 -11.92
CA GLY B 94 -27.63 3.80 -12.24
C GLY B 94 -28.89 4.13 -13.03
N THR B 95 -29.78 3.17 -13.24
CA THR B 95 -31.04 3.52 -13.96
C THR B 95 -32.06 4.11 -13.06
N VAL B 96 -33.11 4.72 -13.66
CA VAL B 96 -33.99 5.50 -12.82
C VAL B 96 -35.08 4.63 -12.23
N ASP B 97 -35.40 3.52 -12.88
CA ASP B 97 -36.55 2.71 -12.44
C ASP B 97 -36.22 1.61 -11.36
N VAL B 98 -35.14 1.75 -10.56
CA VAL B 98 -34.81 0.85 -9.37
C VAL B 98 -34.87 1.79 -8.15
N HIS B 99 -35.52 1.43 -7.05
CA HIS B 99 -35.78 2.33 -5.94
C HIS B 99 -35.64 1.57 -4.59
N PRO B 100 -35.51 2.25 -3.43
CA PRO B 100 -35.65 1.53 -2.13
C PRO B 100 -37.04 1.04 -1.91
N ILE B 101 -37.20 0.03 -1.08
CA ILE B 101 -38.52 -0.29 -0.55
C ILE B 101 -39.18 0.97 0.12
N GLY B 102 -40.43 1.28 -0.23
CA GLY B 102 -41.01 2.50 0.36
C GLY B 102 -41.37 3.53 -0.70
N TRP B 103 -40.62 3.54 -1.79
CA TRP B 103 -40.79 4.53 -2.85
C TRP B 103 -42.16 4.55 -3.47
N CYS B 104 -42.69 3.36 -3.80
CA CYS B 104 -44.05 3.29 -4.37
C CYS B 104 -45.08 3.98 -3.50
N ALA B 105 -45.02 3.71 -2.20
CA ALA B 105 -46.00 4.20 -1.25
C ALA B 105 -45.89 5.73 -1.20
N ILE B 106 -44.66 6.24 -1.09
CA ILE B 106 -44.42 7.68 -1.15
C ILE B 106 -44.88 8.27 -2.48
N ASN B 107 -44.64 7.60 -3.58
CA ASN B 107 -44.93 8.20 -4.83
C ASN B 107 -46.28 7.86 -5.44
N SER B 108 -47.19 7.33 -4.66
CA SER B 108 -48.52 6.93 -5.10
C SER B 108 -48.55 5.94 -6.24
N LYS B 109 -47.60 5.01 -6.24
CA LYS B 109 -47.59 3.91 -7.19
C LYS B 109 -48.10 2.63 -6.49
N ILE B 110 -48.25 1.59 -7.29
CA ILE B 110 -48.89 0.35 -6.87
C ILE B 110 -47.95 -0.82 -7.14
N LEU B 111 -47.84 -1.72 -6.17
CA LEU B 111 -47.13 -3.01 -6.35
C LEU B 111 -48.05 -4.11 -6.92
N VAL B 112 -47.68 -4.69 -8.07
CA VAL B 112 -48.53 -5.72 -8.71
C VAL B 112 -47.69 -6.91 -8.97
N PRO B 113 -48.12 -8.15 -8.55
CA PRO B 113 -47.23 -9.28 -8.86
C PRO B 113 -47.09 -9.55 -10.37
N PRO B 114 -45.94 -10.08 -10.82
CA PRO B 114 -45.81 -10.59 -12.22
C PRO B 114 -46.82 -11.70 -12.54
N ARG B 115 -47.28 -11.67 -13.80
CA ARG B 115 -48.38 -12.47 -14.27
C ARG B 115 -47.99 -13.93 -14.12
N THR B 116 -46.69 -14.16 -14.34
CA THR B 116 -46.12 -15.44 -14.22
C THR B 116 -46.42 -16.17 -12.92
N ILE B 117 -46.32 -15.45 -11.81
CA ILE B 117 -46.44 -16.03 -10.43
C ILE B 117 -47.64 -15.51 -9.57
N HIS B 118 -48.47 -14.68 -10.18
CA HIS B 118 -49.51 -14.02 -9.45
C HIS B 118 -50.47 -14.96 -8.70
N ALA B 119 -50.67 -16.17 -9.20
CA ALA B 119 -51.61 -17.11 -8.64
C ALA B 119 -50.98 -18.01 -7.55
N LYS B 120 -49.72 -17.75 -7.18
CA LYS B 120 -49.04 -18.52 -6.16
C LYS B 120 -49.73 -18.32 -4.79
N PHE B 121 -50.10 -17.08 -4.43
CA PHE B 121 -50.69 -16.84 -3.12
C PHE B 121 -51.85 -15.88 -3.31
N THR B 122 -52.78 -15.91 -2.34
CA THR B 122 -53.73 -14.84 -2.20
C THR B 122 -53.16 -13.69 -1.38
N ASP B 123 -52.60 -13.98 -0.18
CA ASP B 123 -52.05 -12.93 0.69
C ASP B 123 -50.62 -12.46 0.27
N TRP B 124 -50.51 -11.77 -0.85
CA TRP B 124 -49.19 -11.25 -1.28
C TRP B 124 -48.58 -10.28 -0.30
N LYS B 125 -49.43 -9.49 0.35
CA LYS B 125 -48.93 -8.48 1.24
C LYS B 125 -48.25 -9.15 2.46
N GLY B 126 -48.89 -10.12 3.09
CA GLY B 126 -48.19 -10.81 4.18
C GLY B 126 -46.99 -11.69 3.78
N TYR B 127 -47.05 -12.33 2.63
CA TYR B 127 -45.85 -12.92 2.02
C TYR B 127 -44.71 -11.94 1.98
N LEU B 128 -44.97 -10.71 1.49
CA LEU B 128 -43.87 -9.77 1.35
C LEU B 128 -43.37 -9.30 2.72
N MET B 129 -44.27 -9.04 3.65
CA MET B 129 -43.87 -8.60 5.00
C MET B 129 -42.91 -9.60 5.63
N LYS B 130 -43.12 -10.90 5.42
CA LYS B 130 -42.30 -11.97 6.04
C LYS B 130 -40.94 -11.93 5.39
N ARG B 131 -40.93 -11.78 4.05
CA ARG B 131 -39.66 -11.78 3.31
C ARG B 131 -38.92 -10.54 3.58
N LEU B 132 -39.59 -9.48 3.98
CA LEU B 132 -38.84 -8.23 4.12
C LEU B 132 -38.20 -8.00 5.52
N VAL B 133 -38.57 -8.83 6.49
CA VAL B 133 -38.09 -8.61 7.84
C VAL B 133 -36.58 -8.79 7.87
N GLY B 134 -35.87 -7.81 8.44
CA GLY B 134 -34.45 -7.92 8.60
C GLY B 134 -33.76 -7.74 7.29
N SER B 135 -34.49 -7.24 6.28
CA SER B 135 -33.79 -7.02 4.96
C SER B 135 -33.17 -5.61 4.84
N ARG B 136 -32.32 -5.48 3.83
CA ARG B 136 -31.76 -4.20 3.49
C ARG B 136 -32.16 -3.84 2.10
N THR B 137 -32.03 -2.54 1.81
CA THR B 137 -32.47 -1.97 0.64
C THR B 137 -31.53 -0.89 0.09
N LEU B 138 -31.90 -0.25 -1.01
CA LEU B 138 -31.08 0.86 -1.51
C LEU B 138 -31.03 2.03 -0.51
N PRO B 139 -29.87 2.71 -0.44
CA PRO B 139 -29.83 3.97 0.28
C PRO B 139 -30.89 4.92 -0.24
N VAL B 140 -31.53 5.66 0.67
CA VAL B 140 -32.25 6.89 0.30
C VAL B 140 -31.34 7.92 -0.42
N ASP B 141 -31.83 8.50 -1.51
CA ASP B 141 -30.97 9.50 -2.26
C ASP B 141 -29.97 8.82 -3.16
N PHE B 142 -30.03 7.49 -3.23
CA PHE B 142 -29.07 6.77 -4.08
C PHE B 142 -28.89 7.42 -5.45
N HIS B 143 -29.98 7.57 -6.17
CA HIS B 143 -29.89 8.07 -7.53
C HIS B 143 -29.50 9.55 -7.59
N ILE B 144 -30.06 10.32 -6.64
CA ILE B 144 -29.77 11.73 -6.37
C ILE B 144 -28.27 12.00 -6.21
N LYS B 145 -27.69 11.39 -5.18
CA LYS B 145 -26.26 11.36 -5.00
C LYS B 145 -25.48 10.96 -6.26
N MET B 146 -25.92 9.92 -6.98
CA MET B 146 -25.26 9.60 -8.24
C MET B 146 -25.27 10.72 -9.29
N VAL B 147 -26.45 11.27 -9.61
CA VAL B 147 -26.49 12.38 -10.59
C VAL B 147 -25.57 13.51 -10.12
N GLU B 148 -25.57 13.78 -8.81
CA GLU B 148 -24.73 14.84 -8.25
C GLU B 148 -23.23 14.66 -8.42
N SER B 149 -22.76 13.41 -8.42
CA SER B 149 -21.36 13.11 -8.58
C SER B 149 -20.98 13.05 -10.08
N MET B 150 -21.99 13.27 -10.93
CA MET B 150 -21.85 13.16 -12.35
C MET B 150 -22.03 14.48 -13.02
N LYS B 151 -21.89 15.53 -12.20
CA LYS B 151 -21.64 16.87 -12.68
C LYS B 151 -20.09 17.02 -12.70
N TYR B 152 -19.52 17.35 -13.87
CA TYR B 152 -18.06 17.45 -13.96
C TYR B 152 -17.63 18.87 -14.20
N PRO B 153 -16.42 19.24 -13.75
CA PRO B 153 -16.00 20.63 -13.94
C PRO B 153 -15.45 21.03 -15.32
N PHE B 154 -15.15 20.07 -16.20
CA PHE B 154 -14.72 20.35 -17.58
C PHE B 154 -15.93 20.54 -18.46
N ARG B 155 -15.93 21.60 -19.26
CA ARG B 155 -17.06 21.99 -20.09
C ARG B 155 -16.61 22.20 -21.52
N GLN B 156 -17.52 22.01 -22.45
CA GLN B 156 -17.28 22.39 -23.82
C GLN B 156 -16.71 23.82 -23.94
N GLY B 157 -15.62 23.91 -24.70
CA GLY B 157 -14.92 25.14 -24.92
C GLY B 157 -13.79 25.45 -23.99
N MET B 158 -13.53 24.66 -22.96
CA MET B 158 -12.33 24.97 -22.16
C MET B 158 -11.10 24.52 -22.92
N ARG B 159 -10.09 25.36 -22.90
CA ARG B 159 -8.81 25.09 -23.54
C ARG B 159 -7.82 24.57 -22.50
N LEU B 160 -6.91 23.70 -22.96
CA LEU B 160 -5.87 23.13 -22.15
C LEU B 160 -4.73 22.62 -23.01
N GLU B 161 -3.64 22.16 -22.35
CA GLU B 161 -2.50 21.55 -23.00
C GLU B 161 -2.61 20.03 -22.94
N VAL B 162 -2.44 19.37 -24.10
CA VAL B 162 -2.42 17.93 -24.16
C VAL B 162 -1.13 17.39 -24.81
N VAL B 163 -0.59 16.26 -24.29
CA VAL B 163 0.44 15.53 -25.02
C VAL B 163 0.10 15.38 -26.50
N ASP B 164 1.04 15.71 -27.35
CA ASP B 164 0.90 15.56 -28.80
C ASP B 164 1.01 14.08 -29.23
N LYS B 165 -0.12 13.42 -29.54
CA LYS B 165 -0.20 11.98 -30.00
C LYS B 165 0.71 11.60 -31.19
N SER B 166 1.01 12.59 -32.05
CA SER B 166 1.96 12.47 -33.17
C SER B 166 3.44 12.75 -32.77
N GLN B 167 3.68 13.47 -31.66
CA GLN B 167 5.05 13.76 -31.19
C GLN B 167 5.07 13.91 -29.68
N VAL B 168 5.19 12.78 -28.97
CA VAL B 168 4.89 12.68 -27.53
C VAL B 168 5.83 13.48 -26.66
N SER B 169 6.84 14.10 -27.29
CA SER B 169 7.82 14.93 -26.56
C SER B 169 7.35 16.34 -26.30
N ARG B 170 6.27 16.76 -27.01
CA ARG B 170 5.69 18.07 -26.73
C ARG B 170 4.17 18.02 -26.37
N THR B 171 3.67 19.05 -25.73
CA THR B 171 2.23 19.21 -25.64
C THR B 171 1.71 19.98 -26.86
N ARG B 172 0.39 20.05 -27.03
CA ARG B 172 -0.23 21.02 -27.93
C ARG B 172 -1.59 21.46 -27.37
N MET B 173 -2.08 22.57 -27.88
CA MET B 173 -3.32 23.19 -27.46
C MET B 173 -4.54 22.32 -27.92
N ALA B 174 -5.56 22.17 -27.07
CA ALA B 174 -6.70 21.41 -27.48
C ALA B 174 -7.87 22.04 -26.75
N VAL B 175 -9.04 21.81 -27.31
CA VAL B 175 -10.25 22.37 -26.80
C VAL B 175 -11.18 21.20 -26.45
N VAL B 176 -11.81 21.31 -25.28
CA VAL B 176 -12.88 20.33 -24.87
C VAL B 176 -14.13 20.35 -25.77
N ASP B 177 -14.48 19.22 -26.36
CA ASP B 177 -15.60 19.22 -27.25
C ASP B 177 -16.78 18.49 -26.59
N THR B 178 -16.51 17.41 -25.84
CA THR B 178 -17.58 16.51 -25.38
C THR B 178 -17.12 16.04 -24.05
N VAL B 179 -18.09 15.88 -23.13
CA VAL B 179 -17.76 15.43 -21.79
C VAL B 179 -18.82 14.41 -21.54
N ILE B 180 -18.39 13.22 -21.18
CA ILE B 180 -19.30 12.12 -20.93
C ILE B 180 -18.71 11.16 -19.85
N GLY B 181 -19.38 11.15 -18.69
CA GLY B 181 -18.94 10.38 -17.55
C GLY B 181 -17.55 10.74 -17.07
N GLY B 182 -17.10 11.95 -17.27
CA GLY B 182 -15.68 12.05 -16.78
C GLY B 182 -14.64 11.79 -17.88
N ARG B 183 -15.06 11.29 -19.03
CA ARG B 183 -14.19 11.22 -20.19
C ARG B 183 -14.40 12.50 -21.02
N LEU B 184 -13.32 12.90 -21.66
CA LEU B 184 -13.27 14.07 -22.52
C LEU B 184 -12.90 13.70 -23.93
N ARG B 185 -13.62 14.27 -24.90
CA ARG B 185 -13.15 14.43 -26.25
C ARG B 185 -12.54 15.82 -26.44
N LEU B 186 -11.26 15.85 -26.79
CA LEU B 186 -10.50 17.07 -26.99
C LEU B 186 -10.30 17.24 -28.48
N LEU B 187 -10.46 18.47 -28.95
CA LEU B 187 -10.14 18.79 -30.34
C LEU B 187 -8.86 19.63 -30.34
N TYR B 188 -7.89 19.26 -31.17
CA TYR B 188 -6.62 19.95 -31.33
C TYR B 188 -6.85 21.26 -32.12
N GLU B 189 -6.34 22.35 -31.57
CA GLU B 189 -6.52 23.68 -32.15
C GLU B 189 -6.01 23.89 -33.58
N ASP B 190 -4.92 23.22 -33.98
CA ASP B 190 -4.36 23.37 -35.38
C ASP B 190 -4.71 22.27 -36.44
N GLY B 191 -5.70 21.42 -36.16
CA GLY B 191 -6.12 20.40 -37.16
C GLY B 191 -7.61 20.42 -37.37
N ASP B 192 -8.18 19.21 -37.33
CA ASP B 192 -9.60 18.86 -37.01
C ASP B 192 -10.14 18.40 -38.35
N SER B 193 -11.43 18.09 -38.52
CA SER B 193 -12.54 18.03 -37.52
C SER B 193 -12.46 16.69 -36.79
N ASP B 194 -11.88 15.72 -37.51
CA ASP B 194 -11.67 14.34 -37.09
C ASP B 194 -10.23 14.15 -36.55
N ASP B 195 -9.74 15.15 -35.78
CA ASP B 195 -8.41 15.07 -35.19
C ASP B 195 -8.49 15.36 -33.68
N ASP B 196 -8.84 14.30 -32.98
CA ASP B 196 -9.31 14.42 -31.64
C ASP B 196 -8.47 13.60 -30.69
N PHE B 197 -8.93 13.56 -29.46
CA PHE B 197 -8.23 12.81 -28.50
C PHE B 197 -9.14 12.61 -27.34
N TRP B 198 -9.37 11.34 -26.99
CA TRP B 198 -10.19 11.04 -25.84
C TRP B 198 -9.34 10.64 -24.64
N CYS B 199 -9.71 11.06 -23.45
CA CYS B 199 -9.01 10.63 -22.26
C CYS B 199 -9.91 10.84 -21.06
N HIS B 200 -9.49 10.38 -19.92
CA HIS B 200 -10.27 10.67 -18.74
C HIS B 200 -9.82 12.10 -18.29
N MET B 201 -10.68 12.78 -17.56
CA MET B 201 -10.39 14.11 -17.01
C MET B 201 -9.23 14.07 -15.95
N TRP B 202 -9.00 12.94 -15.31
CA TRP B 202 -7.80 12.74 -14.44
C TRP B 202 -6.61 12.21 -15.24
N SER B 203 -6.65 12.20 -16.58
CA SER B 203 -5.52 11.69 -17.43
C SER B 203 -4.25 12.40 -17.11
N PRO B 204 -3.10 11.68 -16.93
CA PRO B 204 -1.79 12.39 -16.80
C PRO B 204 -1.35 13.17 -18.05
N LEU B 205 -2.10 13.08 -19.13
CA LEU B 205 -1.64 13.64 -20.37
C LEU B 205 -2.12 15.06 -20.58
N ILE B 206 -2.95 15.62 -19.68
CA ILE B 206 -3.49 16.97 -19.93
C ILE B 206 -3.11 17.82 -18.79
N HIS B 207 -3.03 19.12 -19.05
CA HIS B 207 -2.44 20.12 -18.10
C HIS B 207 -3.03 21.48 -18.39
N PRO B 208 -3.06 22.37 -17.39
CA PRO B 208 -3.71 23.64 -17.65
C PRO B 208 -2.76 24.47 -18.50
N VAL B 209 -3.29 25.47 -19.24
CA VAL B 209 -2.49 26.26 -20.14
C VAL B 209 -1.34 26.96 -19.35
N GLY B 210 -0.11 26.93 -19.88
CA GLY B 210 1.05 27.53 -19.15
C GLY B 210 1.90 26.51 -18.41
N TRP B 211 1.35 25.30 -18.21
CA TRP B 211 2.08 24.28 -17.51
C TRP B 211 3.38 23.90 -18.18
N SER B 212 3.35 23.66 -19.51
CA SER B 212 4.53 23.14 -20.20
C SER B 212 5.70 24.15 -20.01
N ARG B 213 5.33 25.41 -20.10
CA ARG B 213 6.30 26.54 -19.97
C ARG B 213 6.91 26.64 -18.59
N ARG B 214 6.04 26.62 -17.57
CA ARG B 214 6.48 26.62 -16.20
C ARG B 214 7.43 25.44 -15.96
N VAL B 215 7.07 24.21 -16.38
CA VAL B 215 7.93 23.06 -16.00
C VAL B 215 9.11 22.71 -16.93
N GLY B 216 9.13 23.24 -18.16
CA GLY B 216 10.22 22.92 -19.10
C GLY B 216 9.91 21.80 -20.09
N HIS B 217 8.62 21.46 -20.26
CA HIS B 217 8.17 20.49 -21.27
C HIS B 217 8.06 21.18 -22.66
N GLY B 218 8.46 20.54 -23.74
CA GLY B 218 8.33 21.12 -25.06
C GLY B 218 6.86 21.38 -25.36
N ILE B 219 6.59 22.46 -26.08
CA ILE B 219 5.22 22.75 -26.51
C ILE B 219 5.29 23.06 -28.00
N LYS B 220 4.38 22.46 -28.79
CA LYS B 220 4.22 22.72 -30.23
C LYS B 220 4.13 24.22 -30.52
N MET B 221 3.21 24.87 -29.83
CA MET B 221 2.97 26.30 -29.96
C MET B 221 2.31 26.88 -28.69
N SER B 222 2.77 28.07 -28.33
CA SER B 222 2.24 28.92 -27.26
C SER B 222 0.81 29.38 -27.54
N CYS B 239 -12.28 29.91 -23.02
CA CYS B 239 -11.52 30.21 -21.83
C CYS B 239 -10.62 29.03 -21.41
N ASP B 240 -9.65 29.31 -20.56
CA ASP B 240 -8.67 28.35 -20.20
C ASP B 240 -9.17 27.57 -19.01
N ALA B 241 -9.13 26.24 -19.08
CA ALA B 241 -9.40 25.44 -17.89
C ALA B 241 -8.47 25.85 -16.77
N VAL B 242 -9.07 26.10 -15.62
CA VAL B 242 -8.37 26.65 -14.44
C VAL B 242 -7.49 25.53 -13.78
N PRO B 243 -6.25 25.83 -13.32
CA PRO B 243 -5.41 24.70 -12.88
C PRO B 243 -6.03 23.83 -11.78
N TYR B 244 -7.04 24.38 -11.12
CA TYR B 244 -7.72 23.70 -10.02
C TYR B 244 -8.56 22.50 -10.49
N LEU B 245 -9.04 22.58 -11.72
CA LEU B 245 -9.82 21.53 -12.37
C LEU B 245 -9.10 20.17 -12.54
N PHE B 246 -7.78 20.21 -12.63
CA PHE B 246 -6.94 19.06 -12.98
C PHE B 246 -6.61 18.26 -11.72
N LYS B 247 -6.48 16.94 -11.87
CA LYS B 247 -6.01 15.99 -10.81
C LYS B 247 -4.55 16.33 -10.42
N LYS B 248 -4.29 16.75 -9.19
CA LYS B 248 -2.89 17.08 -8.88
C LYS B 248 -2.18 15.80 -8.41
N VAL B 249 -0.86 15.78 -8.62
CA VAL B 249 -0.09 14.57 -8.46
C VAL B 249 0.33 14.46 -6.96
N ARG B 250 0.50 13.23 -6.51
CA ARG B 250 1.10 12.84 -5.23
C ARG B 250 2.41 13.65 -5.04
N ALA B 251 2.58 14.25 -3.86
CA ALA B 251 3.88 14.70 -3.33
C ALA B 251 4.84 13.50 -3.24
N VAL B 252 6.09 13.70 -3.64
CA VAL B 252 7.13 12.66 -3.53
C VAL B 252 8.19 13.08 -2.50
N TYR B 253 8.43 12.25 -1.47
CA TYR B 253 9.43 12.53 -0.45
C TYR B 253 10.58 11.56 -0.67
N THR B 254 11.78 12.13 -0.67
CA THR B 254 12.99 11.31 -0.84
C THR B 254 13.97 11.58 0.28
N GLU B 255 14.72 10.53 0.67
CA GLU B 255 15.93 10.67 1.46
C GLU B 255 17.13 10.64 0.49
N GLY B 256 17.96 11.67 0.50
CA GLY B 256 19.12 11.69 -0.40
C GLY B 256 18.74 12.32 -1.73
N GLY B 257 19.43 11.98 -2.79
CA GLY B 257 19.25 12.71 -4.05
C GLY B 257 17.98 12.34 -4.81
N TRP B 258 17.78 12.96 -5.95
CA TRP B 258 16.58 12.77 -6.75
C TRP B 258 17.00 11.97 -7.98
N PHE B 259 16.13 11.84 -8.97
CA PHE B 259 16.51 11.27 -10.24
C PHE B 259 17.51 12.27 -10.87
N GLU B 260 18.37 11.77 -11.75
CA GLU B 260 19.28 12.61 -12.54
C GLU B 260 19.31 12.13 -13.97
N GLU B 261 19.41 13.08 -14.90
CA GLU B 261 19.78 12.75 -16.28
C GLU B 261 20.78 11.58 -16.32
N GLY B 262 20.45 10.59 -17.15
CA GLY B 262 21.32 9.46 -17.43
C GLY B 262 20.98 8.22 -16.65
N MET B 263 20.19 8.32 -15.57
CA MET B 263 19.93 7.12 -14.77
C MET B 263 19.11 6.14 -15.61
N LYS B 264 19.33 4.83 -15.42
CA LYS B 264 18.58 3.83 -16.24
C LYS B 264 17.50 3.22 -15.41
N LEU B 265 16.43 2.83 -16.09
CA LEU B 265 15.25 2.17 -15.44
C LEU B 265 14.45 1.42 -16.50
N GLU B 266 13.28 0.96 -16.07
CA GLU B 266 12.30 0.32 -16.95
C GLU B 266 11.02 1.16 -16.95
N ALA B 267 10.31 1.17 -18.08
CA ALA B 267 9.11 2.02 -18.30
C ALA B 267 8.13 1.39 -19.31
N ILE B 268 6.83 1.52 -19.06
CA ILE B 268 5.84 1.22 -20.10
C ILE B 268 6.09 2.14 -21.28
N ASP B 269 6.24 1.54 -22.46
CA ASP B 269 6.31 2.32 -23.73
C ASP B 269 4.95 2.93 -24.05
N PRO B 270 4.82 4.27 -23.99
CA PRO B 270 3.54 4.93 -24.27
C PRO B 270 3.00 4.83 -25.71
N LEU B 271 3.83 4.38 -26.65
CA LEU B 271 3.45 4.08 -28.01
C LEU B 271 3.22 2.60 -28.19
N ASN B 272 3.57 1.80 -27.20
CA ASN B 272 3.18 0.39 -27.11
C ASN B 272 3.03 -0.16 -25.72
N LEU B 273 1.81 -0.04 -25.19
CA LEU B 273 1.52 -0.34 -23.81
C LEU B 273 1.62 -1.79 -23.46
N GLY B 274 1.80 -2.61 -24.50
CA GLY B 274 2.05 -4.02 -24.36
C GLY B 274 3.48 -4.28 -23.94
N ASN B 275 4.39 -3.28 -24.11
CA ASN B 275 5.85 -3.41 -23.83
C ASN B 275 6.36 -2.61 -22.65
N ILE B 276 7.13 -3.27 -21.77
CA ILE B 276 7.84 -2.55 -20.72
C ILE B 276 9.30 -2.63 -21.16
N CYS B 277 9.95 -1.47 -21.29
CA CYS B 277 11.29 -1.32 -21.88
C CYS B 277 12.41 -0.71 -21.05
N VAL B 278 13.64 -1.06 -21.42
CA VAL B 278 14.84 -0.42 -21.00
C VAL B 278 14.80 1.09 -21.36
N ALA B 279 14.83 1.93 -20.33
CA ALA B 279 14.71 3.34 -20.53
C ALA B 279 15.76 4.14 -19.75
N THR B 280 15.81 5.43 -20.08
CA THR B 280 16.76 6.43 -19.54
C THR B 280 16.04 7.72 -19.20
N VAL B 281 16.39 8.31 -18.04
CA VAL B 281 16.08 9.73 -17.73
C VAL B 281 16.83 10.64 -18.66
N CYS B 282 16.07 11.48 -19.36
CA CYS B 282 16.60 12.40 -20.39
C CYS B 282 16.56 13.81 -19.91
N LYS B 283 15.76 14.09 -18.88
CA LYS B 283 15.68 15.46 -18.40
C LYS B 283 14.80 15.53 -17.20
N VAL B 284 15.24 16.31 -16.22
CA VAL B 284 14.57 16.49 -14.95
C VAL B 284 13.87 17.81 -15.02
N LEU B 285 12.54 17.80 -14.94
CA LEU B 285 11.80 19.01 -15.00
C LEU B 285 11.43 19.43 -13.59
N LEU B 286 10.56 20.42 -13.50
CA LEU B 286 10.16 20.95 -12.20
C LEU B 286 9.04 20.08 -11.70
N ASP B 287 8.71 20.23 -10.42
CA ASP B 287 7.54 19.56 -9.84
C ASP B 287 7.47 18.00 -9.88
N GLY B 288 8.64 17.35 -9.93
CA GLY B 288 8.74 15.87 -10.02
C GLY B 288 8.56 15.24 -11.39
N TYR B 289 8.40 16.06 -12.44
CA TYR B 289 8.22 15.49 -13.78
C TYR B 289 9.58 15.12 -14.42
N LEU B 290 9.60 14.02 -15.18
CA LEU B 290 10.82 13.51 -15.77
C LEU B 290 10.53 13.35 -17.28
N MET B 291 11.51 13.59 -18.16
CA MET B 291 11.40 13.11 -19.54
C MET B 291 12.19 11.83 -19.59
N ILE B 292 11.59 10.80 -20.12
CA ILE B 292 12.20 9.47 -20.19
C ILE B 292 12.25 9.10 -21.67
N CYS B 293 13.20 8.28 -22.07
CA CYS B 293 13.17 7.75 -23.41
C CYS B 293 13.36 6.22 -23.35
N VAL B 294 12.78 5.51 -24.32
CA VAL B 294 13.08 4.11 -24.53
C VAL B 294 14.48 4.11 -25.19
N ASP B 295 15.38 3.23 -24.85
CA ASP B 295 16.64 3.40 -25.60
C ASP B 295 17.07 2.31 -26.60
N ASP B 304 11.59 11.62 -29.22
CA ASP B 304 11.06 10.30 -28.82
C ASP B 304 10.85 10.25 -27.25
N TRP B 305 11.19 11.36 -26.58
CA TRP B 305 11.17 11.47 -25.13
C TRP B 305 9.71 11.55 -24.71
N PHE B 306 9.35 11.07 -23.54
CA PHE B 306 7.99 11.15 -23.10
C PHE B 306 8.05 11.52 -21.58
N CYS B 307 7.02 12.23 -21.13
CA CYS B 307 6.95 12.77 -19.81
C CYS B 307 6.20 11.80 -18.90
N TYR B 308 6.82 11.34 -17.81
CA TYR B 308 6.10 10.65 -16.75
C TYR B 308 6.42 11.52 -15.49
N HIS B 309 5.44 11.68 -14.58
CA HIS B 309 5.72 12.09 -13.20
C HIS B 309 6.44 10.99 -12.44
N ALA B 310 7.33 11.40 -11.53
CA ALA B 310 8.08 10.49 -10.69
C ALA B 310 7.21 9.53 -9.85
N SER B 311 6.02 9.97 -9.45
CA SER B 311 5.00 9.15 -8.79
C SER B 311 4.29 8.14 -9.73
N SER B 312 4.58 8.21 -11.03
CA SER B 312 3.92 7.39 -12.07
C SER B 312 4.12 5.88 -11.82
N HIS B 313 3.05 5.12 -12.01
CA HIS B 313 3.16 3.70 -11.81
C HIS B 313 3.64 2.99 -13.08
N ALA B 314 3.95 3.78 -14.11
CA ALA B 314 4.43 3.28 -15.40
C ALA B 314 5.95 3.25 -15.50
N ILE B 315 6.65 3.60 -14.41
CA ILE B 315 8.12 3.46 -14.37
C ILE B 315 8.55 2.62 -13.19
N PHE B 316 9.69 1.94 -13.38
CA PHE B 316 10.10 0.91 -12.42
C PHE B 316 11.61 0.84 -12.39
N PRO B 317 12.18 0.38 -11.30
CA PRO B 317 13.68 0.32 -11.31
C PRO B 317 14.21 -0.87 -12.13
N ALA B 318 15.43 -0.74 -12.74
CA ALA B 318 16.08 -1.87 -13.45
C ALA B 318 15.85 -3.19 -12.73
N THR B 319 15.57 -4.26 -13.49
CA THR B 319 15.35 -5.62 -12.94
C THR B 319 13.93 -5.92 -12.41
N PHE B 320 13.05 -4.90 -12.31
CA PHE B 320 11.65 -5.13 -12.05
C PHE B 320 11.05 -6.21 -12.98
N CYS B 321 11.20 -6.08 -14.29
CA CYS B 321 10.65 -7.12 -15.20
C CYS B 321 11.17 -8.50 -14.90
N GLN B 322 12.52 -8.66 -14.88
CA GLN B 322 13.13 -9.99 -14.63
C GLN B 322 12.62 -10.65 -13.35
N LYS B 323 12.52 -9.88 -12.27
CA LYS B 323 12.09 -10.34 -10.95
C LYS B 323 10.58 -10.71 -10.76
N ASN B 324 9.73 -10.32 -11.73
CA ASN B 324 8.26 -10.39 -11.64
C ASN B 324 7.66 -11.20 -12.81
N ASP B 325 8.51 -11.85 -13.60
CA ASP B 325 8.03 -12.64 -14.70
C ASP B 325 7.34 -11.87 -15.77
N ILE B 326 7.89 -10.70 -16.08
CA ILE B 326 7.41 -9.94 -17.21
C ILE B 326 8.46 -9.94 -18.29
N GLU B 327 8.05 -10.01 -19.56
CA GLU B 327 9.04 -9.87 -20.64
C GLU B 327 9.51 -8.41 -20.72
N LEU B 328 10.83 -8.23 -20.62
CA LEU B 328 11.38 -6.90 -20.74
C LEU B 328 11.71 -6.74 -22.21
N THR B 329 11.24 -5.66 -22.83
CA THR B 329 11.64 -5.34 -24.19
C THR B 329 13.03 -4.64 -24.18
N PRO B 330 14.09 -5.35 -24.67
CA PRO B 330 15.45 -4.73 -24.67
C PRO B 330 15.59 -3.69 -25.78
N PRO B 331 16.74 -2.97 -25.85
CA PRO B 331 16.86 -2.07 -27.02
C PRO B 331 17.14 -2.84 -28.33
N LYS B 332 17.37 -2.14 -29.43
CA LYS B 332 18.19 -2.75 -30.53
C LYS B 332 19.60 -3.35 -30.10
N GLY B 333 19.82 -4.68 -29.98
CA GLY B 333 18.83 -5.77 -30.11
C GLY B 333 19.26 -6.96 -29.24
N THR B 338 21.22 -11.55 -26.02
CA THR B 338 20.53 -11.78 -24.74
C THR B 338 20.80 -10.68 -23.68
N PHE B 339 19.80 -9.85 -23.44
CA PHE B 339 19.95 -8.67 -22.53
C PHE B 339 20.12 -8.98 -21.02
N ASN B 340 21.19 -8.41 -20.46
CA ASN B 340 21.50 -8.55 -19.05
C ASN B 340 21.82 -7.17 -18.38
N TRP B 341 21.13 -6.82 -17.29
CA TRP B 341 21.22 -5.46 -16.71
C TRP B 341 22.64 -4.99 -16.30
N GLU B 342 23.29 -5.78 -15.44
CA GLU B 342 24.67 -5.53 -15.16
C GLU B 342 25.54 -5.35 -16.41
N ASN B 343 25.35 -6.19 -17.43
CA ASN B 343 26.18 -6.10 -18.62
C ASN B 343 25.94 -4.83 -19.37
N TYR B 344 24.68 -4.45 -19.38
CA TYR B 344 24.24 -3.22 -20.04
C TYR B 344 24.78 -1.96 -19.40
N LEU B 345 24.61 -1.87 -18.07
CA LEU B 345 25.09 -0.75 -17.29
C LEU B 345 26.62 -0.58 -17.44
N GLU B 346 27.37 -1.68 -17.60
CA GLU B 346 28.84 -1.62 -17.88
C GLU B 346 29.12 -1.14 -19.29
N LYS B 347 28.47 -1.74 -20.29
CA LYS B 347 28.67 -1.37 -21.72
C LYS B 347 28.37 0.15 -21.99
N THR B 348 27.31 0.63 -21.35
CA THR B 348 26.85 2.00 -21.56
C THR B 348 27.44 3.05 -20.60
N LYS B 349 28.15 2.52 -19.59
CA LYS B 349 28.90 3.24 -18.58
C LYS B 349 27.96 4.02 -17.66
N SER B 350 26.90 3.33 -17.24
CA SER B 350 25.72 3.90 -16.62
C SER B 350 25.39 3.33 -15.27
N LYS B 351 24.56 4.09 -14.56
CA LYS B 351 23.93 3.72 -13.28
C LYS B 351 22.38 3.54 -13.38
N ALA B 352 21.84 2.59 -12.63
CA ALA B 352 20.44 2.44 -12.43
C ALA B 352 19.91 3.52 -11.40
N ALA B 353 18.75 4.11 -11.67
CA ALA B 353 18.03 4.86 -10.68
C ALA B 353 17.81 3.97 -9.47
N PRO B 354 18.19 4.49 -8.27
CA PRO B 354 18.01 3.70 -7.05
C PRO B 354 16.53 3.31 -6.79
N SER B 355 16.31 2.07 -6.38
CA SER B 355 14.99 1.63 -6.18
C SER B 355 14.24 2.46 -5.18
N ARG B 356 14.95 3.17 -4.32
CA ARG B 356 14.24 3.99 -3.32
C ARG B 356 13.39 5.12 -3.90
N LEU B 357 13.73 5.57 -5.10
CA LEU B 357 13.02 6.63 -5.76
C LEU B 357 11.65 6.24 -6.34
N PHE B 358 11.33 4.96 -6.43
CA PHE B 358 10.12 4.53 -7.07
C PHE B 358 9.04 4.22 -6.02
N ASN B 359 7.77 4.37 -6.38
CA ASN B 359 6.70 3.83 -5.55
C ASN B 359 6.11 2.54 -6.15
N MET B 360 6.56 1.42 -5.61
CA MET B 360 6.35 0.12 -6.18
C MET B 360 5.21 -0.57 -5.48
N ASP B 361 4.95 -0.12 -4.24
CA ASP B 361 4.00 -0.73 -3.29
C ASP B 361 3.00 -1.74 -3.90
N CYS B 362 2.11 -2.28 -3.06
CA CYS B 362 0.89 -2.97 -3.53
C CYS B 362 -0.20 -2.74 -2.48
N PRO B 363 -1.17 -1.82 -2.77
CA PRO B 363 -2.40 -1.78 -1.96
C PRO B 363 -3.23 -3.06 -2.25
N ASN B 364 -4.04 -3.53 -1.31
CA ASN B 364 -4.95 -4.64 -1.55
C ASN B 364 -6.14 -4.14 -2.43
N HIS B 365 -5.87 -4.00 -3.74
CA HIS B 365 -6.78 -3.44 -4.71
C HIS B 365 -7.99 -4.35 -5.09
N GLY B 366 -7.84 -5.65 -4.95
CA GLY B 366 -8.95 -6.53 -5.21
C GLY B 366 -9.13 -6.94 -6.67
N PHE B 367 -8.17 -6.64 -7.54
CA PHE B 367 -8.18 -7.18 -8.91
C PHE B 367 -7.69 -8.62 -8.89
N LYS B 368 -8.31 -9.49 -9.65
CA LYS B 368 -7.86 -10.86 -9.69
C LYS B 368 -7.79 -11.31 -11.18
N VAL B 369 -6.86 -12.21 -11.48
CA VAL B 369 -6.73 -12.76 -12.78
C VAL B 369 -8.05 -13.39 -13.17
N GLY B 370 -8.51 -13.07 -14.38
CA GLY B 370 -9.77 -13.62 -14.90
C GLY B 370 -10.96 -12.69 -14.81
N MET B 371 -10.85 -11.59 -14.01
CA MET B 371 -12.03 -10.74 -13.76
C MET B 371 -12.37 -9.92 -15.01
N LYS B 372 -13.65 -9.79 -15.36
CA LYS B 372 -14.01 -8.98 -16.51
C LYS B 372 -14.19 -7.49 -16.13
N LEU B 373 -14.01 -6.62 -17.11
CA LEU B 373 -14.19 -5.18 -16.93
C LEU B 373 -14.30 -4.44 -18.27
N GLU B 374 -14.47 -3.13 -18.23
CA GLU B 374 -14.54 -2.40 -19.45
C GLU B 374 -13.26 -1.58 -19.56
N ALA B 375 -12.53 -1.75 -20.65
CA ALA B 375 -11.24 -1.03 -20.68
C ALA B 375 -11.12 -0.12 -21.92
N VAL B 376 -10.57 1.09 -21.74
CA VAL B 376 -10.16 1.90 -22.88
C VAL B 376 -8.99 1.21 -23.62
N ASP B 377 -9.14 1.14 -24.94
CA ASP B 377 -8.05 0.71 -25.83
C ASP B 377 -7.14 1.94 -26.02
N LEU B 378 -5.99 1.97 -25.34
CA LEU B 378 -5.26 3.22 -25.13
C LEU B 378 -4.60 3.71 -26.45
N MET B 379 -4.49 2.78 -27.40
CA MET B 379 -3.93 3.07 -28.74
C MET B 379 -4.98 3.75 -29.61
N GLU B 380 -6.28 3.51 -29.28
CA GLU B 380 -7.38 4.10 -29.96
C GLU B 380 -8.47 4.45 -28.89
N PRO B 381 -8.25 5.54 -28.11
CA PRO B 381 -8.99 5.74 -26.86
C PRO B 381 -10.47 6.18 -26.95
N ARG B 382 -11.01 6.41 -28.15
CA ARG B 382 -12.41 6.59 -28.27
C ARG B 382 -13.02 5.21 -28.03
N LEU B 383 -12.28 4.10 -28.11
CA LEU B 383 -12.92 2.74 -27.94
C LEU B 383 -12.87 2.28 -26.49
N ILE B 384 -14.00 1.86 -25.92
CA ILE B 384 -13.96 1.18 -24.67
C ILE B 384 -14.47 -0.20 -24.99
N CYS B 385 -13.86 -1.21 -24.43
CA CYS B 385 -14.03 -2.57 -24.91
C CYS B 385 -14.18 -3.52 -23.73
N VAL B 386 -14.83 -4.63 -24.00
CA VAL B 386 -14.93 -5.80 -23.10
C VAL B 386 -13.51 -6.33 -22.86
N ALA B 387 -13.16 -6.53 -21.61
CA ALA B 387 -11.82 -6.94 -21.29
C ALA B 387 -11.73 -7.79 -20.04
N THR B 388 -10.53 -8.35 -19.89
CA THR B 388 -10.18 -9.31 -18.84
C THR B 388 -8.83 -8.96 -18.20
N VAL B 389 -8.77 -9.10 -16.88
CA VAL B 389 -7.45 -9.05 -16.18
C VAL B 389 -6.67 -10.34 -16.49
N LYS B 390 -5.56 -10.20 -17.21
CA LYS B 390 -4.73 -11.33 -17.61
C LYS B 390 -3.57 -11.53 -16.58
N ARG B 391 -3.08 -10.46 -15.98
CA ARG B 391 -2.03 -10.56 -14.93
C ARG B 391 -2.27 -9.51 -13.87
N VAL B 392 -1.92 -9.81 -12.63
CA VAL B 392 -1.84 -8.80 -11.60
C VAL B 392 -0.39 -8.91 -11.06
N VAL B 393 0.39 -7.84 -11.19
CA VAL B 393 1.82 -7.85 -10.80
C VAL B 393 2.00 -6.69 -9.87
N HIS B 394 1.83 -7.00 -8.58
CA HIS B 394 1.63 -5.98 -7.55
C HIS B 394 0.50 -5.06 -8.00
N ARG B 395 0.87 -3.82 -8.34
CA ARG B 395 0.02 -2.72 -8.81
C ARG B 395 -0.37 -2.70 -10.31
N LEU B 396 0.14 -3.64 -11.07
CA LEU B 396 0.12 -3.48 -12.53
C LEU B 396 -0.82 -4.53 -12.94
N LEU B 397 -1.72 -4.22 -13.88
CA LEU B 397 -2.50 -5.25 -14.49
C LEU B 397 -2.11 -5.34 -15.96
N SER B 398 -2.17 -6.56 -16.44
CA SER B 398 -2.15 -6.73 -17.87
C SER B 398 -3.60 -6.97 -18.26
N ILE B 399 -4.06 -6.16 -19.18
CA ILE B 399 -5.43 -6.16 -19.68
C ILE B 399 -5.50 -6.82 -21.08
N HIS B 400 -6.34 -7.87 -21.24
CA HIS B 400 -6.55 -8.50 -22.53
C HIS B 400 -7.95 -8.11 -23.05
N PHE B 401 -8.01 -7.74 -24.30
CA PHE B 401 -9.25 -7.41 -25.00
C PHE B 401 -9.70 -8.72 -25.66
N ASP B 402 -10.75 -9.28 -25.09
CA ASP B 402 -11.40 -10.51 -25.46
C ASP B 402 -11.66 -10.53 -26.92
N GLY B 403 -11.18 -11.56 -27.61
CA GLY B 403 -11.45 -11.67 -29.05
C GLY B 403 -10.26 -11.21 -29.86
N TRP B 404 -9.34 -10.47 -29.25
CA TRP B 404 -8.23 -9.91 -29.97
C TRP B 404 -6.92 -10.67 -29.61
N ASP B 405 -5.91 -10.54 -30.47
CA ASP B 405 -4.61 -11.16 -30.26
C ASP B 405 -3.94 -10.47 -29.07
N SER B 406 -3.06 -11.23 -28.42
CA SER B 406 -2.17 -10.75 -27.41
C SER B 406 -1.37 -9.53 -27.75
N GLU B 407 -1.02 -9.29 -29.02
CA GLU B 407 -0.37 -7.96 -29.39
C GLU B 407 -1.19 -6.73 -28.97
N TYR B 408 -2.49 -6.89 -28.70
CA TYR B 408 -3.30 -5.77 -28.20
C TYR B 408 -3.36 -5.56 -26.69
N ASP B 409 -2.81 -6.51 -25.93
CA ASP B 409 -2.77 -6.40 -24.48
C ASP B 409 -2.03 -5.13 -24.03
N GLN B 410 -2.44 -4.62 -22.86
CA GLN B 410 -1.97 -3.39 -22.27
C GLN B 410 -1.69 -3.53 -20.81
N TRP B 411 -0.53 -3.03 -20.44
CA TRP B 411 -0.13 -2.81 -19.06
C TRP B 411 -0.69 -1.48 -18.60
N VAL B 412 -1.39 -1.55 -17.46
CA VAL B 412 -1.91 -0.35 -16.82
C VAL B 412 -1.78 -0.50 -15.30
N ASP B 413 -1.76 0.60 -14.60
CA ASP B 413 -1.77 0.64 -13.11
C ASP B 413 -3.19 0.27 -12.62
N CYS B 414 -3.30 -0.46 -11.53
CA CYS B 414 -4.58 -0.82 -10.94
C CYS B 414 -5.45 0.38 -10.56
N GLU B 415 -4.87 1.57 -10.42
CA GLU B 415 -5.65 2.80 -10.20
C GLU B 415 -5.86 3.71 -11.45
N SER B 416 -5.51 3.19 -12.62
CA SER B 416 -5.79 3.84 -13.93
C SER B 416 -7.27 4.36 -14.01
N PRO B 417 -7.42 5.64 -14.42
CA PRO B 417 -8.71 6.21 -14.65
C PRO B 417 -9.35 5.67 -15.99
N ASP B 418 -8.67 4.75 -16.66
CA ASP B 418 -9.02 4.20 -18.00
C ASP B 418 -9.55 2.76 -18.04
N ILE B 419 -9.85 2.26 -16.83
CA ILE B 419 -10.56 0.98 -16.66
C ILE B 419 -11.81 1.18 -15.81
N TYR B 420 -12.87 0.40 -16.06
CA TYR B 420 -14.19 0.70 -15.56
C TYR B 420 -14.90 -0.62 -15.23
N PRO B 421 -15.81 -0.59 -14.28
CA PRO B 421 -16.50 -1.86 -14.08
C PRO B 421 -17.49 -2.18 -15.20
N VAL B 422 -17.89 -3.45 -15.23
CA VAL B 422 -19.02 -3.93 -15.96
C VAL B 422 -20.19 -2.96 -15.68
N GLY B 423 -20.80 -2.47 -16.77
CA GLY B 423 -22.01 -1.65 -16.68
C GLY B 423 -21.70 -0.15 -16.73
N TRP B 424 -20.43 0.20 -16.79
CA TRP B 424 -20.05 1.63 -16.78
C TRP B 424 -20.53 2.32 -18.07
N CYS B 425 -20.31 1.67 -19.24
CA CYS B 425 -20.68 2.22 -20.54
C CYS B 425 -22.21 2.38 -20.55
N GLU B 426 -22.89 1.38 -20.00
CA GLU B 426 -24.34 1.46 -19.91
C GLU B 426 -24.79 2.56 -18.95
N LEU B 427 -24.17 2.64 -17.77
CA LEU B 427 -24.50 3.67 -16.82
C LEU B 427 -24.33 5.12 -17.42
N THR B 428 -23.26 5.38 -18.18
CA THR B 428 -22.95 6.78 -18.64
C THR B 428 -23.50 7.01 -20.03
N GLY B 429 -23.92 5.93 -20.70
CA GLY B 429 -24.45 6.05 -22.08
C GLY B 429 -23.36 6.00 -23.18
N TYR B 430 -22.16 5.51 -22.86
CA TYR B 430 -21.04 5.34 -23.79
C TYR B 430 -21.23 4.04 -24.54
N GLN B 431 -20.73 3.93 -25.77
CA GLN B 431 -20.83 2.64 -26.49
C GLN B 431 -19.72 1.64 -26.07
N LEU B 432 -20.04 0.35 -25.87
CA LEU B 432 -19.03 -0.60 -25.48
C LEU B 432 -18.73 -1.50 -26.72
N GLN B 433 -17.47 -1.68 -27.08
CA GLN B 433 -17.11 -2.57 -28.20
C GLN B 433 -17.27 -4.05 -27.84
N PRO B 434 -17.94 -4.84 -28.70
CA PRO B 434 -18.01 -6.28 -28.36
C PRO B 434 -16.63 -6.99 -28.41
N PRO B 435 -16.55 -8.19 -27.77
CA PRO B 435 -15.37 -8.98 -27.69
C PRO B 435 -15.24 -9.85 -28.91
N VAL B 436 -15.16 -9.18 -30.08
CA VAL B 436 -14.77 -9.78 -31.34
C VAL B 436 -13.77 -8.92 -32.11
N ALA B 437 -12.84 -9.55 -32.81
CA ALA B 437 -11.95 -8.82 -33.73
C ALA B 437 -12.64 -8.33 -35.00
N ALA B 438 -13.28 -7.16 -34.90
CA ALA B 438 -13.74 -6.37 -36.08
C ALA B 438 -13.75 -4.86 -35.78
N GLU B 439 -13.92 -4.07 -36.85
CA GLU B 439 -14.08 -2.59 -36.73
C GLU B 439 -15.42 -2.24 -36.00
N PRO B 440 -15.52 -1.04 -35.37
CA PRO B 440 -16.74 -0.67 -34.60
C PRO B 440 -17.93 -0.23 -35.43
#